data_7K0L
#
_entry.id   7K0L
#
_cell.length_a   1.00
_cell.length_b   1.00
_cell.length_c   1.00
_cell.angle_alpha   90.00
_cell.angle_beta   90.00
_cell.angle_gamma   90.00
#
_symmetry.space_group_name_H-M   'P 1'
#
loop_
_entity.id
_entity.type
_entity.pdbx_description
1 polymer 'Serine palmitoyltransferase 1'
2 polymer 'Serine palmitoyltransferase 2'
3 polymer 'Serine palmitoyltransferase small subunit A'
4 non-polymer "PYRIDOXAL-5'-PHOSPHATE"
5 non-polymer Myriocin
#
loop_
_entity_poly.entity_id
_entity_poly.type
_entity_poly.pdbx_seq_one_letter_code
_entity_poly.pdbx_strand_id
1 'polypeptide(L)'
;MATATEQWVLVEMVQALYEAPAYHLILEGILILWIIRLLFSKTYKLQERSDLTVKEKEELIEEWQPEPLVPPVPKDHPAL
NYNIVSGPPSHKTVVNGKECINFASFNFLGLLDNPRVKAAALASLKKYGVGTCGPRGFYGTFDVHLDLEDRLAKFMKTEE
AIIYSYGFATIASAIPAYSKRGDIVFVDRAACFAIQKGLQASRSDIKLFKHNDMADLERLLKEQEIEDQKNPRKARVTRR
FIVVEGLYMNTGTICPLPELVKLKYKYKARIFLEESLSFGVLGEHGRGVTEHYGINIDDIDLISANMENALASIGGFCCG
RSFVIDHQRLSGQGYCFSASLPPLLAAAAIEALNIMEENPGIFAVLKEKCGQIHKALQGISGLKVVGESLSPAFHLQLEE
STGSREQDVRLLQEIVDQCMNRSIALTQARYLEKEEKCLPPPSIRVVVTVEQTEEELERAASTIKEVAQAVLL
;
A
2 'polypeptide(L)'
;MRPEPGGCCCRRTVRANGCVANGEVRNGYVRSSAAAAAAAAAGQIHHVTQNGGLYKRPFNEAFEETPMLVAVLTYVGYGV
LTLFGYLRDFLRYWRIEKCHHATEREEQKDFVSLYQDFENFYTRNLYMRIRDNWNRPICSVPGARVDIMERQSHDYNWSF
KYTGNIIKGVINMGSYNYLGFARNTGSCQEAAAKVLEEYGAGVCSTRQEIGNLDKHEELEELVARFLGVEAAMAYGMGFA
TNSMNIPALVGKGCLILSDELNHASLVLGARLSGATIRIFKHNNMQSLEKLLKDAIVYGQPRTRRPWKKILILVEGIYSM
EGSIVRLPEVIALKKKYKAYLYLDEAHSIGALGPTGRGVVEYFGLDPEDVDVMMGTFTKSFGASGGYIGGKKELIDYLRT
HSHSAVYATSLSPPVVEQIITSMKCIMGQDGTSLGKECVQQLAENTRYFRRRLKEMGFIIYGNEDSPVVPLMLYMPAKIG
AFGREMLKRNIGVVVVGFPATPIIESRARFCLSAAHTKEILDTALKEIDEVGDLLQLKYSRHRLVPLLDRPFDETTYEET
ED
;
B
3 'polypeptide(L)' MAGMALARAWKQMSWFYYQYLLVTALYMLEPWERTVFNSMLVSIVGMALYTGYVFMPQHIMAILHYFEIVQ C
#
loop_
_chem_comp.id
_chem_comp.type
_chem_comp.name
_chem_comp.formula
PLP non-polymer PYRIDOXAL-5'-PHOSPHATE 'C8 H10 N O6 P'
VRP non-polymer Myriocin 'C21 H39 N O6'
#
# COMPACT_ATOMS: atom_id res chain seq x y z
N ASP A 51 12.82 27.03 34.20
CA ASP A 51 13.24 27.15 35.59
C ASP A 51 14.68 26.69 35.77
N LEU A 52 15.06 25.67 35.00
CA LEU A 52 16.40 25.12 35.08
C LEU A 52 17.43 26.14 34.60
N THR A 53 18.54 26.23 35.31
CA THR A 53 19.64 27.04 34.84
C THR A 53 20.25 26.41 33.58
N VAL A 54 21.09 27.17 32.90
CA VAL A 54 21.68 26.66 31.66
C VAL A 54 22.63 25.51 31.97
N LYS A 55 23.60 25.71 32.86
CA LYS A 55 24.61 24.70 33.12
C LYS A 55 23.98 23.36 33.48
N GLU A 56 22.90 23.40 34.27
CA GLU A 56 22.15 22.19 34.56
C GLU A 56 21.58 21.58 33.28
N LYS A 57 21.18 22.42 32.31
CA LYS A 57 20.61 21.89 31.09
C LYS A 57 21.66 21.15 30.26
N GLU A 58 22.84 21.74 30.07
CA GLU A 58 23.88 20.98 29.34
C GLU A 58 24.34 19.75 30.12
N GLU A 59 24.38 19.82 31.45
CA GLU A 59 24.75 18.61 32.19
C GLU A 59 23.71 17.50 32.01
N LEU A 60 22.44 17.85 32.04
CA LEU A 60 21.39 16.87 31.79
C LEU A 60 21.50 16.29 30.39
N ILE A 61 21.81 17.14 29.40
CA ILE A 61 21.91 16.67 28.02
C ILE A 61 23.09 15.73 27.85
N GLU A 62 24.23 16.05 28.46
CA GLU A 62 25.43 15.23 28.25
C GLU A 62 25.36 13.93 29.02
N GLU A 63 24.69 13.93 30.19
CA GLU A 63 24.66 12.72 30.99
C GLU A 63 23.75 11.65 30.39
N TRP A 64 22.84 12.03 29.50
CA TRP A 64 21.86 11.10 28.97
C TRP A 64 22.51 10.10 28.03
N GLN A 65 22.06 8.84 28.09
CA GLN A 65 22.55 7.77 27.23
C GLN A 65 21.38 6.94 26.74
N PRO A 66 21.06 6.98 25.45
CA PRO A 66 19.93 6.22 24.94
C PRO A 66 20.22 4.73 24.93
N GLU A 67 19.16 3.93 24.97
CA GLU A 67 19.30 2.50 24.86
C GLU A 67 19.66 2.10 23.43
N PRO A 68 20.23 0.91 23.22
CA PRO A 68 20.56 0.48 21.87
C PRO A 68 19.32 0.36 21.00
N LEU A 69 19.51 0.56 19.70
CA LEU A 69 18.39 0.58 18.76
C LEU A 69 17.64 -0.74 18.77
N VAL A 70 18.37 -1.85 18.77
CA VAL A 70 17.79 -3.19 18.79
C VAL A 70 18.41 -3.95 19.95
N PRO A 71 17.62 -4.57 20.82
CA PRO A 71 18.17 -5.28 21.96
C PRO A 71 18.95 -6.51 21.53
N PRO A 72 19.93 -6.94 22.32
CA PRO A 72 20.63 -8.18 22.00
C PRO A 72 19.69 -9.38 22.09
N VAL A 73 20.01 -10.42 21.33
CA VAL A 73 19.16 -11.60 21.20
C VAL A 73 19.96 -12.81 21.67
N PRO A 74 20.15 -12.99 22.98
CA PRO A 74 20.87 -14.18 23.47
C PRO A 74 19.93 -15.35 23.72
N LYS A 75 19.08 -15.68 22.75
CA LYS A 75 18.07 -16.72 22.93
C LYS A 75 18.22 -17.87 21.94
N ASP A 76 19.02 -17.70 20.88
CA ASP A 76 19.21 -18.72 19.85
C ASP A 76 17.87 -19.12 19.24
N HIS A 77 17.16 -18.13 18.70
CA HIS A 77 15.83 -18.35 18.17
C HIS A 77 15.85 -19.32 17.00
N PRO A 78 14.95 -20.31 16.97
CA PRO A 78 14.83 -21.13 15.76
C PRO A 78 14.42 -20.32 14.55
N ALA A 79 13.61 -19.27 14.75
CA ALA A 79 13.19 -18.43 13.64
C ALA A 79 14.38 -17.73 12.99
N LEU A 80 15.48 -17.55 13.74
CA LEU A 80 16.68 -16.95 13.16
C LEU A 80 17.24 -17.82 12.05
N ASN A 81 17.16 -19.14 12.21
CA ASN A 81 17.63 -20.06 11.18
C ASN A 81 16.48 -20.38 10.22
N TYR A 82 16.53 -19.77 9.05
CA TYR A 82 15.48 -19.93 8.05
C TYR A 82 15.62 -21.28 7.34
N ASN A 83 14.69 -21.54 6.43
CA ASN A 83 14.73 -22.73 5.58
C ASN A 83 15.12 -22.31 4.17
N ILE A 84 16.19 -22.89 3.65
CA ILE A 84 16.66 -22.57 2.31
C ILE A 84 16.06 -23.55 1.33
N VAL A 85 15.17 -23.07 0.47
CA VAL A 85 14.46 -23.89 -0.51
C VAL A 85 15.10 -23.68 -1.87
N SER A 86 15.69 -24.73 -2.42
CA SER A 86 16.31 -24.69 -3.74
C SER A 86 15.27 -25.07 -4.78
N GLY A 87 15.08 -24.21 -5.77
CA GLY A 87 14.09 -24.43 -6.79
C GLY A 87 12.72 -23.98 -6.33
N PRO A 88 11.71 -24.16 -7.18
CA PRO A 88 10.37 -23.69 -6.86
C PRO A 88 9.79 -24.47 -5.69
N PRO A 89 8.96 -23.83 -4.85
CA PRO A 89 8.32 -24.52 -3.73
C PRO A 89 7.05 -25.26 -4.17
N SER A 90 7.24 -26.31 -4.95
CA SER A 90 6.14 -27.09 -5.50
C SER A 90 6.19 -28.50 -4.94
N HIS A 91 5.30 -29.35 -5.46
CA HIS A 91 5.31 -30.77 -5.14
C HIS A 91 6.66 -31.36 -5.52
N LYS A 92 7.21 -32.19 -4.64
CA LYS A 92 8.55 -32.76 -4.81
C LYS A 92 9.62 -31.67 -4.88
N THR A 93 9.67 -30.83 -3.86
CA THR A 93 10.66 -29.77 -3.79
C THR A 93 11.90 -30.24 -3.03
N VAL A 94 12.90 -29.37 -2.97
CA VAL A 94 14.14 -29.64 -2.26
C VAL A 94 14.31 -28.59 -1.17
N VAL A 95 14.37 -29.03 0.08
CA VAL A 95 14.50 -28.14 1.22
C VAL A 95 15.78 -28.51 1.97
N ASN A 96 16.65 -27.51 2.17
CA ASN A 96 17.92 -27.68 2.88
C ASN A 96 18.77 -28.77 2.25
N GLY A 97 18.71 -28.92 0.94
CA GLY A 97 19.46 -29.93 0.24
C GLY A 97 18.86 -31.32 0.24
N LYS A 98 17.68 -31.49 0.83
CA LYS A 98 17.01 -32.79 0.91
C LYS A 98 15.66 -32.68 0.21
N GLU A 99 15.45 -33.51 -0.80
CA GLU A 99 14.19 -33.48 -1.54
C GLU A 99 13.06 -34.02 -0.66
N CYS A 100 11.93 -33.32 -0.66
CA CYS A 100 10.82 -33.65 0.21
C CYS A 100 9.50 -33.34 -0.49
N ILE A 101 8.43 -33.96 -0.01
CA ILE A 101 7.09 -33.67 -0.51
C ILE A 101 6.52 -32.50 0.27
N ASN A 102 5.98 -31.51 -0.46
CA ASN A 102 5.59 -30.24 0.14
C ASN A 102 4.24 -30.37 0.83
N PHE A 103 4.26 -30.54 2.15
CA PHE A 103 3.06 -30.51 2.97
C PHE A 103 2.94 -29.22 3.77
N ALA A 104 3.58 -28.15 3.34
CA ALA A 104 3.61 -26.91 4.10
C ALA A 104 3.17 -25.69 3.31
N SER A 105 3.43 -25.65 2.00
CA SER A 105 3.10 -24.47 1.21
C SER A 105 1.61 -24.34 1.01
N PHE A 106 1.12 -23.09 1.07
CA PHE A 106 -0.31 -22.81 0.87
C PHE A 106 -0.62 -22.76 -0.62
N ASN A 107 -0.61 -23.94 -1.23
CA ASN A 107 -0.96 -24.09 -2.64
C ASN A 107 -2.01 -25.20 -2.74
N PHE A 108 -3.28 -24.82 -2.61
CA PHE A 108 -4.33 -25.83 -2.53
C PHE A 108 -4.63 -26.42 -3.89
N LEU A 109 -4.97 -25.58 -4.86
CA LEU A 109 -5.40 -26.05 -6.16
C LEU A 109 -4.26 -26.46 -7.07
N GLY A 110 -3.01 -26.26 -6.64
CA GLY A 110 -1.87 -26.64 -7.46
C GLY A 110 -1.78 -25.86 -8.76
N LEU A 111 -2.15 -24.58 -8.74
CA LEU A 111 -2.08 -23.75 -9.93
C LEU A 111 -0.76 -23.01 -10.05
N LEU A 112 0.15 -23.17 -9.10
CA LEU A 112 1.42 -22.45 -9.16
C LEU A 112 2.26 -22.88 -10.36
N ASP A 113 2.30 -24.18 -10.64
CA ASP A 113 3.12 -24.71 -11.72
C ASP A 113 2.29 -25.16 -12.92
N ASN A 114 1.06 -24.68 -13.06
CA ASN A 114 0.26 -25.02 -14.23
C ASN A 114 0.85 -24.36 -15.47
N PRO A 115 1.12 -25.11 -16.54
CA PRO A 115 1.78 -24.49 -17.71
C PRO A 115 0.99 -23.35 -18.32
N ARG A 116 -0.34 -23.41 -18.31
CA ARG A 116 -1.13 -22.34 -18.90
C ARG A 116 -0.89 -21.02 -18.17
N VAL A 117 -0.80 -21.07 -16.84
CA VAL A 117 -0.57 -19.85 -16.06
C VAL A 117 0.78 -19.25 -16.43
N LYS A 118 1.81 -20.08 -16.53
CA LYS A 118 3.13 -19.58 -16.89
C LYS A 118 3.14 -18.97 -18.29
N ALA A 119 2.44 -19.62 -19.24
CA ALA A 119 2.40 -19.08 -20.60
C ALA A 119 1.69 -17.73 -20.63
N ALA A 120 0.57 -17.61 -19.92
CA ALA A 120 -0.16 -16.34 -19.88
C ALA A 120 0.69 -15.26 -19.23
N ALA A 121 1.37 -15.59 -18.14
CA ALA A 121 2.24 -14.62 -17.48
C ALA A 121 3.37 -14.19 -18.41
N LEU A 122 3.94 -15.14 -19.15
CA LEU A 122 5.01 -14.80 -20.09
C LEU A 122 4.51 -13.87 -21.19
N ALA A 123 3.31 -14.12 -21.71
CA ALA A 123 2.75 -13.23 -22.72
C ALA A 123 2.55 -11.82 -22.17
N SER A 124 2.01 -11.72 -20.96
CA SER A 124 1.83 -10.40 -20.35
C SER A 124 3.17 -9.72 -20.10
N LEU A 125 4.17 -10.49 -19.68
CA LEU A 125 5.51 -9.94 -19.46
C LEU A 125 6.10 -9.38 -20.75
N LYS A 126 5.94 -10.12 -21.86
CA LYS A 126 6.42 -9.62 -23.14
C LYS A 126 5.69 -8.36 -23.55
N LYS A 127 4.39 -8.28 -23.28
CA LYS A 127 3.62 -7.14 -23.77
C LYS A 127 3.89 -5.89 -22.94
N TYR A 128 3.98 -6.02 -21.61
CA TYR A 128 4.07 -4.84 -20.74
C TYR A 128 5.40 -4.64 -20.06
N GLY A 129 6.05 -5.69 -19.58
CA GLY A 129 7.23 -5.56 -18.77
C GLY A 129 6.97 -5.85 -17.30
N VAL A 130 8.06 -5.89 -16.53
CA VAL A 130 7.97 -6.33 -15.14
C VAL A 130 7.27 -5.29 -14.28
N GLY A 131 7.61 -4.01 -14.45
CA GLY A 131 7.21 -2.97 -13.52
C GLY A 131 6.07 -2.13 -14.02
N THR A 132 5.30 -1.57 -13.08
CA THR A 132 4.17 -0.72 -13.44
C THR A 132 4.55 0.76 -13.36
N CYS A 133 5.47 1.11 -12.46
CA CYS A 133 6.01 2.45 -12.34
C CYS A 133 4.95 3.52 -12.08
N GLY A 134 4.12 3.36 -11.05
CA GLY A 134 3.19 4.39 -10.67
C GLY A 134 2.09 3.92 -9.75
N PRO A 135 1.45 4.85 -9.04
CA PRO A 135 0.27 4.50 -8.26
C PRO A 135 -0.92 4.28 -9.17
N ARG A 136 -2.02 3.80 -8.57
CA ARG A 136 -3.21 3.49 -9.36
C ARG A 136 -3.79 4.76 -9.98
N GLY A 137 -3.64 5.90 -9.30
CA GLY A 137 -4.19 7.13 -9.83
C GLY A 137 -3.38 7.72 -10.96
N PHE A 138 -2.06 7.64 -10.87
CA PHE A 138 -1.17 8.36 -11.78
C PHE A 138 -0.58 7.40 -12.81
N TYR A 139 -1.35 7.18 -13.88
CA TYR A 139 -0.89 6.42 -15.04
C TYR A 139 -0.43 5.01 -14.67
N GLY A 140 -0.90 4.49 -13.54
CA GLY A 140 -0.57 3.15 -13.11
C GLY A 140 -1.64 2.12 -13.36
N THR A 141 -2.78 2.53 -13.92
CA THR A 141 -3.86 1.59 -14.19
C THR A 141 -3.75 1.07 -15.61
N PHE A 142 -3.56 -0.24 -15.74
CA PHE A 142 -3.49 -0.90 -17.04
C PHE A 142 -4.85 -1.49 -17.36
N ASP A 143 -4.97 -2.05 -18.57
CA ASP A 143 -6.20 -2.74 -18.93
C ASP A 143 -6.33 -4.05 -18.18
N VAL A 144 -5.21 -4.68 -17.84
CA VAL A 144 -5.25 -5.97 -17.14
C VAL A 144 -5.85 -5.80 -15.76
N HIS A 145 -5.59 -4.67 -15.10
CA HIS A 145 -6.17 -4.44 -13.79
C HIS A 145 -7.70 -4.38 -13.85
N LEU A 146 -8.23 -3.60 -14.79
CA LEU A 146 -9.68 -3.51 -14.94
C LEU A 146 -10.28 -4.84 -15.35
N ASP A 147 -9.58 -5.57 -16.23
CA ASP A 147 -10.07 -6.89 -16.63
C ASP A 147 -10.12 -7.84 -15.44
N LEU A 148 -9.09 -7.81 -14.59
CA LEU A 148 -9.07 -8.67 -13.41
C LEU A 148 -10.18 -8.29 -12.44
N GLU A 149 -10.41 -7.00 -12.25
CA GLU A 149 -11.51 -6.57 -11.37
C GLU A 149 -12.84 -7.06 -11.91
N ASP A 150 -13.06 -6.94 -13.21
CA ASP A 150 -14.30 -7.42 -13.82
C ASP A 150 -14.43 -8.93 -13.64
N ARG A 151 -13.35 -9.67 -13.85
CA ARG A 151 -13.41 -11.12 -13.71
C ARG A 151 -13.73 -11.52 -12.29
N LEU A 152 -13.13 -10.86 -11.30
CA LEU A 152 -13.44 -11.17 -9.90
C LEU A 152 -14.88 -10.84 -9.57
N ALA A 153 -15.38 -9.70 -10.05
CA ALA A 153 -16.76 -9.32 -9.78
C ALA A 153 -17.72 -10.33 -10.37
N LYS A 154 -17.46 -10.80 -11.59
CA LYS A 154 -18.35 -11.77 -12.21
C LYS A 154 -18.22 -13.14 -11.56
N PHE A 155 -17.03 -13.48 -11.06
CA PHE A 155 -16.84 -14.77 -10.41
C PHE A 155 -17.56 -14.83 -9.08
N MET A 156 -17.51 -13.75 -8.31
CA MET A 156 -18.18 -13.71 -7.01
C MET A 156 -19.64 -13.26 -7.11
N LYS A 157 -20.12 -12.96 -8.31
CA LYS A 157 -21.49 -12.49 -8.53
C LYS A 157 -21.78 -11.25 -7.70
N THR A 158 -20.83 -10.31 -7.70
CA THR A 158 -20.92 -9.10 -6.91
C THR A 158 -20.72 -7.90 -7.82
N GLU A 159 -21.30 -6.76 -7.42
CA GLU A 159 -21.30 -5.59 -8.29
C GLU A 159 -19.88 -5.06 -8.53
N GLU A 160 -19.06 -4.98 -7.49
CA GLU A 160 -17.75 -4.37 -7.69
C GLU A 160 -16.70 -5.08 -6.84
N ALA A 161 -15.45 -4.98 -7.28
CA ALA A 161 -14.30 -5.53 -6.57
C ALA A 161 -13.10 -4.63 -6.81
N ILE A 162 -12.21 -4.59 -5.82
CA ILE A 162 -11.03 -3.74 -5.86
C ILE A 162 -9.80 -4.59 -5.54
N ILE A 163 -8.67 -4.18 -6.09
CA ILE A 163 -7.42 -4.96 -6.07
C ILE A 163 -6.38 -4.22 -5.25
N TYR A 164 -5.75 -4.92 -4.31
CA TYR A 164 -4.63 -4.40 -3.54
C TYR A 164 -3.39 -5.17 -3.93
N SER A 165 -2.25 -4.47 -3.95
CA SER A 165 -1.03 -5.03 -4.53
C SER A 165 -0.30 -5.95 -3.55
N TYR A 166 -0.79 -6.09 -2.33
CA TYR A 166 -0.07 -6.86 -1.33
C TYR A 166 -1.08 -7.50 -0.39
N GLY A 167 -0.88 -8.79 -0.11
CA GLY A 167 -1.92 -9.58 0.54
C GLY A 167 -2.31 -9.07 1.92
N PHE A 168 -1.33 -8.66 2.71
CA PHE A 168 -1.62 -8.12 4.03
C PHE A 168 -2.40 -6.81 3.93
N ALA A 169 -2.01 -5.96 2.98
CA ALA A 169 -2.47 -4.57 2.97
C ALA A 169 -3.97 -4.48 2.75
N THR A 170 -4.56 -5.42 2.01
CA THR A 170 -5.98 -5.30 1.67
C THR A 170 -6.84 -5.27 2.93
N ILE A 171 -6.67 -6.23 3.83
CA ILE A 171 -7.50 -6.26 5.02
C ILE A 171 -6.85 -5.46 6.14
N ALA A 172 -5.59 -5.05 5.95
CA ALA A 172 -5.00 -4.10 6.89
C ALA A 172 -5.56 -2.70 6.67
N SER A 173 -6.04 -2.42 5.47
CA SER A 173 -6.49 -1.07 5.15
C SER A 173 -7.99 -0.98 4.94
N ALA A 174 -8.67 -2.10 4.72
CA ALA A 174 -10.12 -2.04 4.55
C ALA A 174 -10.82 -1.58 5.82
N ILE A 175 -10.39 -2.11 6.98
CA ILE A 175 -11.07 -1.77 8.23
C ILE A 175 -10.97 -0.30 8.59
N PRO A 176 -9.78 0.33 8.58
CA PRO A 176 -9.73 1.75 8.98
C PRO A 176 -10.50 2.68 8.06
N ALA A 177 -10.72 2.27 6.81
CA ALA A 177 -11.43 3.14 5.88
C ALA A 177 -12.87 3.37 6.30
N TYR A 178 -13.56 2.32 6.72
CA TYR A 178 -14.98 2.45 7.05
C TYR A 178 -15.20 2.79 8.52
N SER A 179 -14.40 2.25 9.41
CA SER A 179 -14.58 2.45 10.85
C SER A 179 -13.67 3.57 11.33
N LYS A 180 -14.25 4.50 12.07
CA LYS A 180 -13.52 5.63 12.63
C LYS A 180 -13.58 5.59 14.15
N ARG A 181 -13.07 6.65 14.78
CA ARG A 181 -13.11 6.72 16.24
C ARG A 181 -14.55 6.86 16.73
N GLY A 182 -14.85 6.15 17.81
CA GLY A 182 -16.17 6.20 18.41
C GLY A 182 -17.08 5.04 18.07
N ASP A 183 -16.80 4.32 16.99
CA ASP A 183 -17.60 3.15 16.65
C ASP A 183 -17.21 1.97 17.53
N ILE A 184 -18.06 0.96 17.53
CA ILE A 184 -17.85 -0.25 18.31
C ILE A 184 -17.74 -1.43 17.34
N VAL A 185 -16.73 -2.26 17.53
CA VAL A 185 -16.43 -3.37 16.62
C VAL A 185 -16.31 -4.64 17.44
N PHE A 186 -17.04 -5.68 17.04
CA PHE A 186 -16.99 -6.99 17.69
C PHE A 186 -16.21 -7.94 16.80
N VAL A 187 -15.05 -8.38 17.27
CA VAL A 187 -14.15 -9.20 16.49
C VAL A 187 -13.94 -10.53 17.19
N ASP A 188 -13.76 -11.59 16.40
CA ASP A 188 -13.51 -12.90 16.97
C ASP A 188 -12.13 -12.97 17.62
N ARG A 189 -12.01 -13.82 18.63
CA ARG A 189 -10.75 -13.92 19.36
C ARG A 189 -9.63 -14.45 18.48
N ALA A 190 -9.92 -15.46 17.65
CA ALA A 190 -8.90 -16.12 16.86
C ALA A 190 -8.65 -15.47 15.51
N ALA A 191 -8.95 -14.18 15.37
CA ALA A 191 -8.71 -13.50 14.10
C ALA A 191 -7.21 -13.40 13.84
N CYS A 192 -6.85 -13.42 12.56
CA CYS A 192 -5.45 -13.37 12.17
C CYS A 192 -4.83 -12.03 12.53
N PHE A 193 -3.51 -11.95 12.38
CA PHE A 193 -2.78 -10.74 12.76
C PHE A 193 -3.18 -9.56 11.90
N ALA A 194 -3.53 -9.81 10.64
CA ALA A 194 -3.88 -8.71 9.73
C ALA A 194 -5.13 -7.99 10.21
N ILE A 195 -6.14 -8.74 10.66
CA ILE A 195 -7.35 -8.11 11.18
C ILE A 195 -7.03 -7.29 12.42
N GLN A 196 -6.16 -7.82 13.29
CA GLN A 196 -5.80 -7.10 14.51
C GLN A 196 -5.11 -5.78 14.18
N LYS A 197 -4.17 -5.80 13.22
CA LYS A 197 -3.50 -4.56 12.85
C LYS A 197 -4.47 -3.59 12.19
N GLY A 198 -5.39 -4.09 11.37
CA GLY A 198 -6.40 -3.22 10.79
C GLY A 198 -7.25 -2.55 11.85
N LEU A 199 -7.65 -3.31 12.87
CA LEU A 199 -8.45 -2.73 13.95
C LEU A 199 -7.64 -1.74 14.76
N GLN A 200 -6.35 -2.01 14.96
CA GLN A 200 -5.52 -1.08 15.74
C GLN A 200 -5.28 0.22 14.98
N ALA A 201 -5.17 0.13 13.65
CA ALA A 201 -4.93 1.34 12.86
C ALA A 201 -6.08 2.33 13.02
N SER A 202 -7.32 1.85 12.97
CA SER A 202 -8.46 2.68 13.33
C SER A 202 -8.51 2.84 14.84
N ARG A 203 -9.16 3.90 15.30
CA ARG A 203 -9.25 4.19 16.72
C ARG A 203 -10.54 3.68 17.35
N SER A 204 -11.31 2.89 16.61
CA SER A 204 -12.59 2.42 17.13
C SER A 204 -12.40 1.49 18.31
N ASP A 205 -13.39 1.50 19.21
CA ASP A 205 -13.35 0.60 20.36
C ASP A 205 -13.50 -0.84 19.87
N ILE A 206 -12.86 -1.77 20.58
CA ILE A 206 -12.76 -3.15 20.15
C ILE A 206 -13.25 -4.04 21.28
N LYS A 207 -14.10 -5.02 20.94
CA LYS A 207 -14.55 -6.03 21.88
C LYS A 207 -14.30 -7.41 21.29
N LEU A 208 -13.71 -8.30 22.08
CA LEU A 208 -13.35 -9.64 21.64
C LEU A 208 -14.32 -10.64 22.25
N PHE A 209 -15.10 -11.30 21.40
CA PHE A 209 -15.98 -12.35 21.89
C PHE A 209 -15.32 -13.71 21.70
N LYS A 210 -15.83 -14.69 22.45
CA LYS A 210 -15.20 -16.01 22.48
C LYS A 210 -15.30 -16.68 21.11
N HIS A 211 -14.46 -17.70 20.91
CA HIS A 211 -14.34 -18.31 19.60
C HIS A 211 -15.55 -19.16 19.28
N ASN A 212 -16.28 -18.76 18.23
CA ASN A 212 -17.43 -19.50 17.72
C ASN A 212 -18.47 -19.75 18.83
N ASP A 213 -18.68 -18.74 19.65
CA ASP A 213 -19.68 -18.79 20.72
C ASP A 213 -20.68 -17.68 20.44
N MET A 214 -21.90 -18.06 20.08
CA MET A 214 -22.88 -17.06 19.64
C MET A 214 -23.62 -16.46 20.83
N ALA A 215 -23.72 -17.22 21.92
CA ALA A 215 -24.29 -16.66 23.15
C ALA A 215 -23.45 -15.51 23.67
N ASP A 216 -22.13 -15.62 23.54
CA ASP A 216 -21.25 -14.52 23.96
C ASP A 216 -21.48 -13.28 23.09
N LEU A 217 -21.63 -13.47 21.79
CA LEU A 217 -21.90 -12.33 20.92
C LEU A 217 -23.25 -11.69 21.23
N GLU A 218 -24.26 -12.52 21.49
CA GLU A 218 -25.57 -11.97 21.85
C GLU A 218 -25.49 -11.22 23.19
N ARG A 219 -24.73 -11.75 24.14
CA ARG A 219 -24.55 -11.06 25.41
C ARG A 219 -23.89 -9.71 25.22
N LEU A 220 -22.84 -9.66 24.39
CA LEU A 220 -22.18 -8.38 24.12
C LEU A 220 -23.12 -7.41 23.43
N LEU A 221 -23.92 -7.89 22.47
CA LEU A 221 -24.84 -7.01 21.76
C LEU A 221 -25.93 -6.50 22.69
N LYS A 222 -26.38 -7.34 23.63
CA LYS A 222 -27.41 -6.89 24.57
C LYS A 222 -26.86 -5.83 25.52
N GLU A 223 -25.62 -6.01 25.99
CA GLU A 223 -25.01 -4.97 26.79
C GLU A 223 -24.87 -3.68 25.99
N GLN A 224 -24.48 -3.80 24.72
CA GLN A 224 -24.37 -2.61 23.88
C GLN A 224 -25.71 -1.93 23.69
N GLU A 225 -26.79 -2.71 23.57
CA GLU A 225 -28.09 -2.09 23.35
C GLU A 225 -28.59 -1.39 24.61
N ILE A 226 -28.27 -1.93 25.79
CA ILE A 226 -28.66 -1.22 27.01
C ILE A 226 -27.86 0.07 27.15
N GLU A 227 -26.57 0.04 26.77
CA GLU A 227 -25.80 1.28 26.76
C GLU A 227 -26.37 2.25 25.72
N ASP A 228 -26.88 1.73 24.62
CA ASP A 228 -27.53 2.54 23.59
C ASP A 228 -28.76 3.24 24.17
N GLN A 229 -29.58 2.51 24.90
CA GLN A 229 -30.75 3.09 25.55
C GLN A 229 -30.34 4.13 26.59
N LYS A 230 -29.16 3.97 27.18
CA LYS A 230 -28.69 4.95 28.16
C LYS A 230 -28.45 6.31 27.52
N ASN A 231 -27.78 6.36 26.38
CA ASN A 231 -27.34 7.61 25.75
C ASN A 231 -27.74 7.62 24.28
N PRO A 232 -28.95 8.09 23.97
CA PRO A 232 -29.40 8.06 22.57
C PRO A 232 -28.65 8.99 21.64
N ARG A 233 -28.24 10.17 22.13
CA ARG A 233 -27.57 11.12 21.24
C ARG A 233 -26.24 10.57 20.75
N LYS A 234 -25.47 9.93 21.63
CA LYS A 234 -24.29 9.21 21.18
C LYS A 234 -24.67 8.00 20.35
N ALA A 235 -25.83 7.39 20.66
CA ALA A 235 -26.23 6.16 20.00
C ALA A 235 -26.47 6.38 18.51
N ARG A 236 -27.04 7.52 18.14
CA ARG A 236 -27.39 7.75 16.74
C ARG A 236 -26.15 7.84 15.86
N VAL A 237 -24.98 8.05 16.46
CA VAL A 237 -23.77 8.26 15.67
C VAL A 237 -22.93 6.98 15.62
N THR A 238 -22.86 6.25 16.72
CA THR A 238 -21.99 5.08 16.78
C THR A 238 -22.46 3.99 15.82
N ARG A 239 -21.50 3.36 15.15
CA ARG A 239 -21.76 2.32 14.16
C ARG A 239 -21.23 0.99 14.69
N ARG A 240 -21.98 -0.08 14.43
CA ARG A 240 -21.62 -1.41 14.91
C ARG A 240 -21.10 -2.26 13.76
N PHE A 241 -19.95 -2.89 13.96
CA PHE A 241 -19.37 -3.79 13.00
C PHE A 241 -19.08 -5.14 13.65
N ILE A 242 -19.23 -6.21 12.87
CA ILE A 242 -18.87 -7.55 13.27
C ILE A 242 -17.86 -8.06 12.25
N VAL A 243 -16.61 -8.20 12.66
CA VAL A 243 -15.53 -8.64 11.78
C VAL A 243 -15.28 -10.11 12.07
N VAL A 244 -15.52 -10.96 11.06
CA VAL A 244 -15.36 -12.40 11.24
C VAL A 244 -14.59 -12.96 10.05
N GLU A 245 -13.89 -14.07 10.31
CA GLU A 245 -13.05 -14.72 9.32
C GLU A 245 -13.76 -15.95 8.79
N GLY A 246 -13.68 -16.18 7.48
CA GLY A 246 -14.34 -17.31 6.86
C GLY A 246 -13.87 -18.64 7.40
N LEU A 247 -12.61 -18.98 7.13
CA LEU A 247 -11.98 -20.17 7.67
C LEU A 247 -10.73 -19.74 8.41
N TYR A 248 -10.69 -19.99 9.72
CA TYR A 248 -9.66 -19.41 10.57
C TYR A 248 -8.31 -20.03 10.31
N MET A 249 -7.30 -19.20 10.13
CA MET A 249 -5.94 -19.69 9.96
C MET A 249 -5.42 -20.35 11.22
N ASN A 250 -5.68 -19.74 12.38
CA ASN A 250 -5.05 -20.20 13.61
C ASN A 250 -5.63 -21.51 14.10
N THR A 251 -6.95 -21.69 14.00
CA THR A 251 -7.60 -22.86 14.54
C THR A 251 -8.13 -23.83 13.49
N GLY A 252 -8.35 -23.38 12.26
CA GLY A 252 -8.85 -24.27 11.23
C GLY A 252 -10.28 -24.73 11.45
N THR A 253 -11.15 -23.82 11.89
CA THR A 253 -12.58 -24.09 12.02
C THR A 253 -13.36 -23.14 11.13
N ILE A 254 -14.68 -23.31 11.11
CA ILE A 254 -15.56 -22.57 10.20
C ILE A 254 -16.60 -21.83 11.02
N CYS A 255 -16.78 -20.55 10.71
CA CYS A 255 -17.71 -19.73 11.47
C CYS A 255 -19.16 -20.04 11.10
N PRO A 256 -20.08 -19.98 12.07
CA PRO A 256 -21.52 -20.24 11.81
C PRO A 256 -22.24 -19.03 11.22
N LEU A 257 -22.16 -18.91 9.90
CA LEU A 257 -22.68 -17.73 9.23
C LEU A 257 -24.18 -17.47 9.44
N PRO A 258 -25.07 -18.47 9.37
CA PRO A 258 -26.51 -18.14 9.49
C PRO A 258 -26.87 -17.43 10.78
N GLU A 259 -26.30 -17.84 11.91
CA GLU A 259 -26.59 -17.16 13.16
C GLU A 259 -25.99 -15.75 13.15
N LEU A 260 -24.86 -15.57 12.47
CA LEU A 260 -24.31 -14.24 12.32
C LEU A 260 -25.28 -13.34 11.56
N VAL A 261 -25.90 -13.87 10.50
CA VAL A 261 -26.86 -13.07 9.73
C VAL A 261 -28.08 -12.73 10.59
N LYS A 262 -28.59 -13.72 11.34
CA LYS A 262 -29.72 -13.45 12.23
C LYS A 262 -29.38 -12.36 13.23
N LEU A 263 -28.21 -12.45 13.87
CA LEU A 263 -27.81 -11.45 14.84
C LEU A 263 -27.64 -10.08 14.20
N LYS A 264 -27.07 -10.04 12.98
CA LYS A 264 -26.91 -8.77 12.30
C LYS A 264 -28.25 -8.11 12.02
N TYR A 265 -29.24 -8.90 11.59
CA TYR A 265 -30.53 -8.30 11.27
C TYR A 265 -31.34 -8.00 12.52
N LYS A 266 -31.00 -8.62 13.65
CA LYS A 266 -31.73 -8.33 14.88
C LYS A 266 -31.14 -7.13 15.63
N TYR A 267 -29.81 -6.99 15.62
CA TYR A 267 -29.13 -5.96 16.40
C TYR A 267 -28.43 -4.91 15.55
N LYS A 268 -28.61 -4.96 14.23
CA LYS A 268 -28.21 -3.88 13.33
C LYS A 268 -26.70 -3.62 13.38
N ALA A 269 -25.93 -4.63 12.98
CA ALA A 269 -24.48 -4.53 12.91
C ALA A 269 -24.01 -4.98 11.54
N ARG A 270 -23.09 -4.23 10.94
CA ARG A 270 -22.61 -4.57 9.61
C ARG A 270 -21.50 -5.60 9.67
N ILE A 271 -21.58 -6.61 8.80
CA ILE A 271 -20.68 -7.76 8.83
C ILE A 271 -19.56 -7.55 7.81
N PHE A 272 -18.33 -7.74 8.26
CA PHE A 272 -17.15 -7.78 7.39
C PHE A 272 -16.56 -9.18 7.44
N LEU A 273 -16.54 -9.87 6.29
CA LEU A 273 -16.11 -11.25 6.21
C LEU A 273 -14.74 -11.32 5.54
N GLU A 274 -13.83 -12.06 6.15
CA GLU A 274 -12.49 -12.25 5.63
C GLU A 274 -12.32 -13.71 5.23
N GLU A 275 -12.06 -13.96 3.95
CA GLU A 275 -11.87 -15.32 3.44
C GLU A 275 -10.49 -15.40 2.78
N SER A 276 -9.47 -15.67 3.60
CA SER A 276 -8.14 -15.86 3.05
C SER A 276 -7.94 -17.29 2.57
N LEU A 277 -8.50 -18.25 3.29
CA LEU A 277 -8.41 -19.66 2.93
C LEU A 277 -9.67 -20.20 2.29
N SER A 278 -10.84 -19.75 2.73
CA SER A 278 -12.08 -20.33 2.24
C SER A 278 -12.49 -19.80 0.87
N PHE A 279 -11.76 -18.84 0.31
CA PHE A 279 -12.15 -18.25 -0.96
C PHE A 279 -12.12 -19.28 -2.09
N GLY A 280 -11.08 -20.10 -2.15
CA GLY A 280 -10.90 -21.02 -3.26
C GLY A 280 -10.97 -22.49 -2.95
N VAL A 281 -11.50 -22.89 -1.78
CA VAL A 281 -11.52 -24.30 -1.42
C VAL A 281 -12.91 -24.79 -1.03
N LEU A 282 -13.83 -23.91 -0.63
CA LEU A 282 -15.11 -24.33 -0.08
C LEU A 282 -16.22 -24.04 -1.08
N GLY A 283 -17.26 -24.87 -1.03
CA GLY A 283 -18.41 -24.68 -1.88
C GLY A 283 -18.34 -25.52 -3.14
N GLU A 284 -19.49 -25.69 -3.79
CA GLU A 284 -19.54 -26.48 -5.00
C GLU A 284 -18.71 -25.87 -6.12
N HIS A 285 -18.83 -24.55 -6.31
CA HIS A 285 -18.07 -23.85 -7.33
C HIS A 285 -16.94 -23.01 -6.77
N GLY A 286 -16.55 -23.24 -5.51
CA GLY A 286 -15.44 -22.51 -4.93
C GLY A 286 -15.67 -21.03 -4.79
N ARG A 287 -16.91 -20.61 -4.55
CA ARG A 287 -17.20 -19.19 -4.38
C ARG A 287 -16.77 -18.70 -3.00
N GLY A 288 -16.90 -19.54 -1.99
CA GLY A 288 -16.53 -19.15 -0.64
C GLY A 288 -17.38 -19.89 0.37
N VAL A 289 -17.38 -19.36 1.59
CA VAL A 289 -18.22 -19.93 2.64
C VAL A 289 -19.67 -19.52 2.45
N THR A 290 -19.90 -18.38 1.79
CA THR A 290 -21.27 -17.98 1.50
C THR A 290 -21.96 -18.97 0.57
N GLU A 291 -21.20 -19.53 -0.36
CA GLU A 291 -21.77 -20.56 -1.23
C GLU A 291 -21.88 -21.89 -0.50
N HIS A 292 -20.99 -22.13 0.46
CA HIS A 292 -21.02 -23.37 1.23
C HIS A 292 -22.27 -23.44 2.10
N TYR A 293 -22.54 -22.38 2.86
CA TYR A 293 -23.72 -22.39 3.72
C TYR A 293 -24.99 -22.18 2.93
N GLY A 294 -24.90 -21.51 1.79
CA GLY A 294 -26.07 -21.10 1.05
C GLY A 294 -26.58 -19.71 1.39
N ILE A 295 -25.85 -18.96 2.20
CA ILE A 295 -26.27 -17.61 2.55
C ILE A 295 -26.19 -16.72 1.32
N ASN A 296 -27.23 -15.92 1.11
CA ASN A 296 -27.23 -14.98 0.00
C ASN A 296 -26.08 -13.99 0.14
N ILE A 297 -25.40 -13.75 -0.97
CA ILE A 297 -24.19 -12.91 -0.93
C ILE A 297 -24.56 -11.47 -0.61
N ASP A 298 -25.84 -11.11 -0.76
CA ASP A 298 -26.26 -9.74 -0.48
C ASP A 298 -26.10 -9.40 0.99
N ASP A 299 -26.34 -10.38 1.88
CA ASP A 299 -26.33 -10.10 3.31
C ASP A 299 -24.96 -9.65 3.79
N ILE A 300 -23.90 -10.29 3.31
CA ILE A 300 -22.55 -9.92 3.70
C ILE A 300 -22.22 -8.58 3.06
N ASP A 301 -21.69 -7.65 3.87
CA ASP A 301 -21.49 -6.29 3.38
C ASP A 301 -20.20 -6.14 2.61
N LEU A 302 -19.13 -6.80 3.06
CA LEU A 302 -17.83 -6.71 2.41
C LEU A 302 -17.09 -8.02 2.59
N ILE A 303 -16.48 -8.51 1.51
CA ILE A 303 -15.71 -9.74 1.54
C ILE A 303 -14.28 -9.43 1.15
N SER A 304 -13.33 -9.84 2.00
CA SER A 304 -11.92 -9.60 1.75
C SER A 304 -11.22 -10.93 1.53
N ALA A 305 -10.18 -10.91 0.69
CA ALA A 305 -9.43 -12.13 0.42
C ALA A 305 -8.06 -11.76 -0.11
N ASN A 306 -7.16 -12.74 -0.11
CA ASN A 306 -5.84 -12.58 -0.69
C ASN A 306 -5.65 -13.62 -1.78
N MET A 307 -5.01 -13.21 -2.88
CA MET A 307 -4.89 -14.07 -4.05
C MET A 307 -3.69 -14.99 -3.97
N GLU A 308 -2.91 -14.92 -2.89
CA GLU A 308 -1.67 -15.68 -2.83
C GLU A 308 -1.94 -17.15 -2.54
N ASN A 309 -2.88 -17.44 -1.65
CA ASN A 309 -3.12 -18.82 -1.22
C ASN A 309 -3.62 -19.72 -2.34
N ALA A 310 -4.80 -19.43 -2.89
CA ALA A 310 -5.39 -20.34 -3.87
C ALA A 310 -4.94 -20.00 -5.28
N LEU A 311 -5.01 -18.73 -5.66
CA LEU A 311 -4.67 -18.33 -7.02
C LEU A 311 -3.17 -18.35 -7.28
N ALA A 312 -2.35 -18.47 -6.23
CA ALA A 312 -0.89 -18.51 -6.36
C ALA A 312 -0.35 -17.27 -7.09
N SER A 313 -0.84 -16.10 -6.73
CA SER A 313 -0.35 -14.84 -7.26
C SER A 313 -0.37 -13.78 -6.17
N ILE A 314 0.60 -12.86 -6.22
CA ILE A 314 0.73 -11.88 -5.15
C ILE A 314 -0.37 -10.84 -5.25
N GLY A 315 -0.92 -10.46 -4.10
CA GLY A 315 -1.95 -9.44 -4.03
C GLY A 315 -3.24 -9.96 -3.41
N GLY A 316 -4.11 -9.01 -3.10
CA GLY A 316 -5.39 -9.34 -2.52
C GLY A 316 -6.50 -8.55 -3.19
N PHE A 317 -7.73 -8.79 -2.72
CA PHE A 317 -8.87 -8.07 -3.26
C PHE A 317 -9.99 -7.99 -2.23
N CYS A 318 -10.93 -7.09 -2.50
CA CYS A 318 -12.12 -6.91 -1.67
C CYS A 318 -13.32 -6.69 -2.58
N CYS A 319 -14.38 -7.45 -2.37
CA CYS A 319 -15.56 -7.38 -3.22
C CYS A 319 -16.77 -6.96 -2.38
N GLY A 320 -17.69 -6.25 -3.03
CA GLY A 320 -18.91 -5.80 -2.39
C GLY A 320 -19.73 -4.97 -3.36
N ARG A 321 -20.79 -4.36 -2.82
CA ARG A 321 -21.59 -3.44 -3.60
C ARG A 321 -20.78 -2.20 -3.93
N SER A 322 -21.18 -1.50 -5.00
CA SER A 322 -20.45 -0.31 -5.40
C SER A 322 -20.48 0.75 -4.32
N PHE A 323 -21.57 0.79 -3.55
CA PHE A 323 -21.75 1.81 -2.51
C PHE A 323 -20.64 1.75 -1.47
N VAL A 324 -20.26 0.54 -1.06
CA VAL A 324 -19.24 0.40 -0.03
C VAL A 324 -17.84 0.33 -0.65
N ILE A 325 -17.73 -0.24 -1.86
CA ILE A 325 -16.43 -0.43 -2.47
C ILE A 325 -15.84 0.90 -2.93
N ASP A 326 -16.67 1.78 -3.48
CA ASP A 326 -16.15 3.00 -4.10
C ASP A 326 -15.40 3.87 -3.10
N HIS A 327 -15.70 3.71 -1.81
CA HIS A 327 -15.02 4.50 -0.78
C HIS A 327 -13.54 4.14 -0.70
N GLN A 328 -13.21 2.86 -0.92
CA GLN A 328 -11.83 2.41 -0.71
C GLN A 328 -10.88 2.99 -1.74
N ARG A 329 -11.40 3.38 -2.91
CA ARG A 329 -10.53 3.92 -3.95
C ARG A 329 -9.93 5.27 -3.52
N LEU A 330 -10.52 5.90 -2.52
CA LEU A 330 -10.00 7.16 -2.01
C LEU A 330 -9.49 7.06 -0.58
N SER A 331 -10.15 6.30 0.28
CA SER A 331 -9.79 6.26 1.69
C SER A 331 -8.94 5.04 2.06
N GLY A 332 -8.47 4.29 1.09
CA GLY A 332 -7.61 3.16 1.33
C GLY A 332 -6.15 3.56 1.26
N GLN A 333 -5.46 3.49 2.40
CA GLN A 333 -4.05 3.86 2.44
C GLN A 333 -3.21 2.96 1.55
N GLY A 334 -3.48 1.65 1.60
CA GLY A 334 -2.71 0.73 0.78
C GLY A 334 -3.00 0.87 -0.70
N TYR A 335 -4.10 1.53 -1.04
CA TYR A 335 -4.49 1.66 -2.44
C TYR A 335 -3.94 2.95 -3.05
N CYS A 336 -4.16 4.08 -2.39
CA CYS A 336 -3.84 5.37 -2.98
C CYS A 336 -2.34 5.63 -2.99
N PHE A 337 -1.63 5.22 -1.94
CA PHE A 337 -0.26 5.62 -1.73
C PHE A 337 0.76 4.55 -2.09
N SER A 338 0.37 3.54 -2.86
CA SER A 338 1.26 2.45 -3.21
C SER A 338 1.16 2.17 -4.71
N ALA A 339 2.25 1.61 -5.25
CA ALA A 339 2.29 1.28 -6.66
C ALA A 339 1.34 0.12 -6.97
N SER A 340 0.87 0.08 -8.22
CA SER A 340 -0.10 -0.92 -8.61
C SER A 340 0.57 -2.29 -8.77
N LEU A 341 -0.27 -3.31 -8.87
CA LEU A 341 0.23 -4.67 -9.05
C LEU A 341 0.85 -4.81 -10.44
N PRO A 342 1.98 -5.49 -10.56
CA PRO A 342 2.58 -5.71 -11.88
C PRO A 342 1.64 -6.48 -12.78
N PRO A 343 1.61 -6.17 -14.08
CA PRO A 343 0.66 -6.84 -14.98
C PRO A 343 0.87 -8.34 -15.07
N LEU A 344 2.11 -8.80 -14.89
CA LEU A 344 2.40 -10.23 -14.96
C LEU A 344 1.56 -11.01 -13.96
N LEU A 345 1.56 -10.56 -12.70
CA LEU A 345 0.80 -11.25 -11.67
C LEU A 345 -0.70 -11.17 -11.94
N ALA A 346 -1.17 -10.04 -12.44
CA ALA A 346 -2.59 -9.90 -12.76
C ALA A 346 -3.02 -10.88 -13.84
N ALA A 347 -2.21 -11.03 -14.89
CA ALA A 347 -2.54 -11.97 -15.94
C ALA A 347 -2.50 -13.41 -15.42
N ALA A 348 -1.53 -13.71 -14.55
CA ALA A 348 -1.50 -15.04 -13.95
C ALA A 348 -2.78 -15.31 -13.16
N ALA A 349 -3.24 -14.31 -12.41
CA ALA A 349 -4.48 -14.47 -11.64
C ALA A 349 -5.68 -14.66 -12.57
N ILE A 350 -5.74 -13.91 -13.66
CA ILE A 350 -6.87 -14.05 -14.59
C ILE A 350 -6.89 -15.46 -15.19
N GLU A 351 -5.73 -15.96 -15.60
CA GLU A 351 -5.69 -17.31 -16.15
C GLU A 351 -6.07 -18.34 -15.11
N ALA A 352 -5.65 -18.13 -13.86
CA ALA A 352 -6.06 -19.03 -12.78
C ALA A 352 -7.57 -19.00 -12.59
N LEU A 353 -8.17 -17.83 -12.70
CA LEU A 353 -9.63 -17.73 -12.60
C LEU A 353 -10.30 -18.50 -13.73
N ASN A 354 -9.75 -18.41 -14.94
CA ASN A 354 -10.31 -19.18 -16.05
C ASN A 354 -10.22 -20.68 -15.78
N ILE A 355 -9.09 -21.14 -15.26
CA ILE A 355 -8.93 -22.55 -14.95
C ILE A 355 -9.94 -22.98 -13.88
N MET A 356 -10.11 -22.16 -12.84
CA MET A 356 -11.06 -22.48 -11.79
C MET A 356 -12.49 -22.56 -12.32
N GLU A 357 -12.85 -21.63 -13.20
CA GLU A 357 -14.19 -21.64 -13.76
C GLU A 357 -14.43 -22.86 -14.65
N GLU A 358 -13.40 -23.28 -15.39
CA GLU A 358 -13.59 -24.38 -16.34
C GLU A 358 -13.76 -25.71 -15.62
N ASN A 359 -12.98 -25.97 -14.57
CA ASN A 359 -12.95 -27.28 -13.93
C ASN A 359 -13.37 -27.20 -12.47
N PRO A 360 -14.65 -27.41 -12.16
CA PRO A 360 -15.10 -27.36 -10.77
C PRO A 360 -15.03 -28.67 -10.01
N GLY A 361 -14.33 -29.69 -10.51
CA GLY A 361 -14.19 -30.93 -9.77
C GLY A 361 -12.97 -30.94 -8.87
N ILE A 362 -12.08 -29.97 -9.07
CA ILE A 362 -10.88 -29.88 -8.23
C ILE A 362 -11.28 -29.59 -6.80
N PHE A 363 -12.35 -28.82 -6.59
CA PHE A 363 -12.85 -28.61 -5.24
C PHE A 363 -13.30 -29.91 -4.60
N ALA A 364 -13.97 -30.76 -5.39
CA ALA A 364 -14.43 -32.04 -4.85
C ALA A 364 -13.25 -32.94 -4.47
N VAL A 365 -12.24 -33.04 -5.33
CA VAL A 365 -11.11 -33.91 -4.99
C VAL A 365 -10.34 -33.33 -3.81
N LEU A 366 -10.24 -32.00 -3.72
CA LEU A 366 -9.58 -31.40 -2.57
C LEU A 366 -10.34 -31.72 -1.29
N LYS A 367 -11.67 -31.65 -1.34
CA LYS A 367 -12.47 -31.97 -0.15
C LYS A 367 -12.28 -33.42 0.26
N GLU A 368 -12.26 -34.34 -0.70
CA GLU A 368 -12.13 -35.74 -0.35
C GLU A 368 -10.73 -36.05 0.19
N LYS A 369 -9.71 -35.37 -0.33
CA LYS A 369 -8.36 -35.56 0.21
C LYS A 369 -8.25 -35.00 1.63
N CYS A 370 -8.87 -33.84 1.88
CA CYS A 370 -8.87 -33.30 3.24
C CYS A 370 -9.55 -34.25 4.21
N GLY A 371 -10.72 -34.79 3.83
CA GLY A 371 -11.38 -35.76 4.68
C GLY A 371 -10.52 -36.98 4.93
N GLN A 372 -9.89 -37.50 3.88
CA GLN A 372 -9.04 -38.68 4.01
C GLN A 372 -7.91 -38.46 5.00
N ILE A 373 -7.14 -37.38 4.82
CA ILE A 373 -5.99 -37.17 5.68
C ILE A 373 -6.42 -36.87 7.10
N HIS A 374 -7.49 -36.09 7.27
CA HIS A 374 -7.95 -35.76 8.62
C HIS A 374 -8.40 -37.01 9.36
N LYS A 375 -9.09 -37.92 8.67
CA LYS A 375 -9.51 -39.15 9.32
C LYS A 375 -8.32 -40.06 9.59
N ALA A 376 -7.31 -40.04 8.72
CA ALA A 376 -6.14 -40.89 8.93
C ALA A 376 -5.32 -40.42 10.13
N LEU A 377 -5.25 -39.11 10.34
CA LEU A 377 -4.38 -38.58 11.39
C LEU A 377 -4.94 -38.85 12.78
N GLN A 378 -6.21 -39.23 12.87
CA GLN A 378 -6.80 -39.48 14.17
C GLN A 378 -6.27 -40.79 14.74
N GLY A 379 -5.69 -40.71 15.94
CA GLY A 379 -5.15 -41.88 16.61
C GLY A 379 -3.71 -41.76 17.05
N ILE A 380 -3.06 -40.62 16.80
CA ILE A 380 -1.69 -40.44 17.25
C ILE A 380 -1.66 -40.38 18.77
N SER A 381 -0.65 -41.02 19.37
CA SER A 381 -0.61 -41.15 20.82
C SER A 381 -0.37 -39.82 21.50
N GLY A 382 0.64 -39.06 21.05
CA GLY A 382 1.07 -37.88 21.75
C GLY A 382 0.60 -36.55 21.21
N LEU A 383 -0.19 -36.54 20.13
CA LEU A 383 -0.63 -35.30 19.51
C LEU A 383 -2.14 -35.28 19.37
N LYS A 384 -2.68 -34.11 19.06
CA LYS A 384 -4.10 -33.92 18.85
C LYS A 384 -4.31 -33.09 17.59
N VAL A 385 -5.33 -33.44 16.82
CA VAL A 385 -5.66 -32.71 15.60
C VAL A 385 -6.66 -31.60 15.95
N VAL A 386 -6.37 -30.39 15.51
CA VAL A 386 -7.23 -29.24 15.76
C VAL A 386 -7.69 -28.72 14.40
N GLY A 387 -8.96 -28.97 14.08
CA GLY A 387 -9.51 -28.50 12.83
C GLY A 387 -10.77 -29.26 12.47
N GLU A 388 -11.30 -28.95 11.29
CA GLU A 388 -12.49 -29.59 10.77
C GLU A 388 -12.13 -30.37 9.51
N SER A 389 -12.97 -31.36 9.18
CA SER A 389 -12.67 -32.23 8.05
C SER A 389 -12.59 -31.44 6.75
N LEU A 390 -13.49 -30.47 6.56
CA LEU A 390 -13.51 -29.72 5.31
C LEU A 390 -12.31 -28.79 5.19
N SER A 391 -11.59 -28.57 6.30
CA SER A 391 -10.52 -27.59 6.28
C SER A 391 -9.30 -28.12 5.51
N PRO A 392 -8.77 -27.35 4.56
CA PRO A 392 -7.54 -27.80 3.87
C PRO A 392 -6.31 -27.75 4.77
N ALA A 393 -6.12 -26.65 5.51
CA ALA A 393 -4.95 -26.48 6.36
C ALA A 393 -5.40 -26.51 7.82
N PHE A 394 -4.81 -27.40 8.60
CA PHE A 394 -5.13 -27.52 10.01
C PHE A 394 -3.86 -27.70 10.83
N HIS A 395 -4.05 -27.95 12.12
CA HIS A 395 -2.96 -27.90 13.09
C HIS A 395 -2.85 -29.22 13.85
N LEU A 396 -1.63 -29.54 14.27
CA LEU A 396 -1.35 -30.60 15.21
C LEU A 396 -0.73 -29.99 16.45
N GLN A 397 -1.33 -30.24 17.62
CA GLN A 397 -0.86 -29.64 18.85
C GLN A 397 -0.57 -30.72 19.88
N LEU A 398 0.31 -30.39 20.83
CA LEU A 398 0.64 -31.35 21.88
C LEU A 398 -0.58 -31.62 22.75
N GLU A 399 -0.81 -32.89 23.06
CA GLU A 399 -1.97 -33.25 23.88
C GLU A 399 -1.80 -32.73 25.30
N GLU A 400 -0.65 -32.99 25.92
CA GLU A 400 -0.33 -32.48 27.24
C GLU A 400 0.96 -31.69 27.17
N SER A 401 0.87 -30.39 27.37
CA SER A 401 1.98 -29.48 27.14
C SER A 401 2.77 -29.26 28.42
N THR A 402 4.10 -29.29 28.31
CA THR A 402 4.95 -28.94 29.42
C THR A 402 4.82 -27.44 29.72
N GLY A 403 5.30 -27.06 30.91
CA GLY A 403 5.09 -25.69 31.35
C GLY A 403 5.73 -24.65 30.45
N SER A 404 6.97 -24.89 30.04
CA SER A 404 7.70 -23.90 29.25
C SER A 404 7.33 -23.99 27.78
N ARG A 405 7.01 -22.85 27.18
CA ARG A 405 6.68 -22.83 25.76
C ARG A 405 7.89 -23.19 24.90
N GLU A 406 9.09 -22.79 25.33
CA GLU A 406 10.28 -23.05 24.56
C GLU A 406 10.54 -24.55 24.42
N GLN A 407 10.30 -25.31 25.48
CA GLN A 407 10.50 -26.76 25.40
C GLN A 407 9.51 -27.39 24.43
N ASP A 408 8.26 -26.93 24.43
CA ASP A 408 7.28 -27.45 23.48
C ASP A 408 7.67 -27.12 22.05
N VAL A 409 8.13 -25.90 21.81
CA VAL A 409 8.60 -25.52 20.48
C VAL A 409 9.79 -26.39 20.07
N ARG A 410 10.68 -26.68 21.01
CA ARG A 410 11.82 -27.54 20.70
C ARG A 410 11.37 -28.94 20.33
N LEU A 411 10.39 -29.49 21.06
CA LEU A 411 9.89 -30.82 20.73
C LEU A 411 9.25 -30.84 19.35
N LEU A 412 8.44 -29.82 19.03
CA LEU A 412 7.82 -29.78 17.72
C LEU A 412 8.87 -29.63 16.63
N GLN A 413 9.91 -28.83 16.87
CA GLN A 413 10.98 -28.68 15.89
C GLN A 413 11.73 -29.99 15.68
N GLU A 414 11.94 -30.76 16.76
CA GLU A 414 12.58 -32.05 16.62
C GLU A 414 11.73 -32.99 15.78
N ILE A 415 10.41 -32.99 16.02
CA ILE A 415 9.52 -33.80 15.18
C ILE A 415 9.62 -33.39 13.72
N VAL A 416 9.63 -32.08 13.46
CA VAL A 416 9.68 -31.59 12.09
C VAL A 416 10.98 -32.00 11.41
N ASP A 417 12.11 -31.85 12.10
CA ASP A 417 13.40 -32.22 11.50
C ASP A 417 13.47 -33.72 11.25
N GLN A 418 13.00 -34.53 12.21
CA GLN A 418 13.03 -35.96 12.03
C GLN A 418 12.16 -36.39 10.86
N CYS A 419 11.02 -35.71 10.66
CA CYS A 419 10.19 -36.00 9.50
C CYS A 419 10.88 -35.58 8.21
N MET A 420 11.55 -34.43 8.22
CA MET A 420 12.23 -33.96 7.03
C MET A 420 13.33 -34.93 6.60
N ASN A 421 14.03 -35.53 7.56
CA ASN A 421 14.98 -36.57 7.22
C ASN A 421 14.29 -37.76 6.55
N ARG A 422 13.00 -37.95 6.84
CA ARG A 422 12.21 -39.01 6.25
C ARG A 422 11.55 -38.62 4.93
N SER A 423 11.87 -37.42 4.41
CA SER A 423 11.40 -36.91 3.14
C SER A 423 9.92 -36.54 3.14
N ILE A 424 9.43 -35.96 4.24
CA ILE A 424 8.13 -35.29 4.27
C ILE A 424 8.34 -33.91 4.88
N ALA A 425 8.11 -32.88 4.09
CA ALA A 425 8.39 -31.51 4.49
C ALA A 425 7.23 -30.93 5.25
N LEU A 426 7.47 -30.54 6.50
CA LEU A 426 6.47 -29.89 7.33
C LEU A 426 7.04 -28.58 7.88
N THR A 427 6.14 -27.67 8.22
CA THR A 427 6.50 -26.41 8.83
C THR A 427 5.80 -26.29 10.17
N GLN A 428 6.18 -25.26 10.92
CA GLN A 428 5.58 -24.97 12.22
C GLN A 428 4.95 -23.60 12.19
N ALA A 429 3.78 -23.47 12.81
CA ALA A 429 3.09 -22.18 12.86
C ALA A 429 3.96 -21.16 13.58
N ARG A 430 4.16 -20.01 12.96
CA ARG A 430 5.02 -18.97 13.48
C ARG A 430 4.18 -17.78 13.94
N TYR A 431 4.44 -17.32 15.16
CA TYR A 431 3.71 -16.19 15.73
C TYR A 431 4.69 -15.21 16.34
N LEU A 432 4.19 -14.01 16.62
CA LEU A 432 4.91 -13.04 17.44
C LEU A 432 4.37 -13.14 18.85
N GLU A 433 5.22 -13.56 19.79
CA GLU A 433 4.75 -13.80 21.15
C GLU A 433 4.24 -12.53 21.81
N LYS A 434 4.95 -11.42 21.60
CA LYS A 434 4.58 -10.18 22.30
C LYS A 434 3.45 -9.45 21.60
N GLU A 435 3.46 -9.42 20.28
CA GLU A 435 2.51 -8.59 19.55
C GLU A 435 1.12 -9.21 19.52
N GLU A 436 1.04 -10.53 19.46
CA GLU A 436 -0.26 -11.19 19.32
C GLU A 436 -1.14 -10.91 20.54
N LYS A 437 -2.37 -10.50 20.27
CA LYS A 437 -3.30 -10.20 21.37
C LYS A 437 -3.74 -11.48 22.07
N CYS A 438 -4.09 -12.51 21.31
CA CYS A 438 -4.39 -13.83 21.85
C CYS A 438 -3.46 -14.83 21.21
N LEU A 439 -2.53 -15.37 22.00
CA LEU A 439 -1.46 -16.20 21.47
C LEU A 439 -1.90 -17.65 21.40
N PRO A 440 -1.98 -18.25 20.22
CA PRO A 440 -2.37 -19.65 20.14
C PRO A 440 -1.25 -20.55 20.63
N PRO A 441 -1.56 -21.79 21.00
CA PRO A 441 -0.51 -22.71 21.41
C PRO A 441 0.35 -23.09 20.22
N PRO A 442 1.57 -23.56 20.46
CA PRO A 442 2.42 -24.00 19.34
C PRO A 442 1.80 -25.18 18.61
N SER A 443 2.03 -25.23 17.30
CA SER A 443 1.38 -26.26 16.49
C SER A 443 2.19 -26.49 15.23
N ILE A 444 2.04 -27.70 14.68
CA ILE A 444 2.61 -28.07 13.41
C ILE A 444 1.52 -27.95 12.36
N ARG A 445 1.81 -27.25 11.27
CA ARG A 445 0.80 -26.99 10.25
C ARG A 445 0.79 -28.14 9.25
N VAL A 446 -0.41 -28.62 8.92
CA VAL A 446 -0.61 -29.64 7.90
C VAL A 446 -1.49 -29.06 6.81
N VAL A 447 -1.00 -29.11 5.58
CA VAL A 447 -1.67 -28.50 4.43
C VAL A 447 -1.92 -29.60 3.39
N VAL A 448 -3.13 -29.63 2.85
CA VAL A 448 -3.53 -30.64 1.88
C VAL A 448 -3.67 -30.00 0.51
N THR A 449 -3.25 -30.71 -0.52
CA THR A 449 -3.19 -30.20 -1.88
C THR A 449 -3.77 -31.23 -2.84
N VAL A 450 -4.38 -30.76 -3.92
CA VAL A 450 -4.91 -31.66 -4.94
C VAL A 450 -3.80 -32.47 -5.57
N GLU A 451 -2.57 -31.94 -5.61
CA GLU A 451 -1.47 -32.64 -6.25
C GLU A 451 -1.14 -33.95 -5.53
N GLN A 452 -1.15 -33.95 -4.20
CA GLN A 452 -0.67 -35.09 -3.44
C GLN A 452 -1.58 -36.29 -3.65
N THR A 453 -0.98 -37.42 -4.01
CA THR A 453 -1.73 -38.64 -4.26
C THR A 453 -2.15 -39.29 -2.95
N GLU A 454 -3.00 -40.32 -3.07
CA GLU A 454 -3.45 -41.05 -1.90
C GLU A 454 -2.29 -41.75 -1.19
N GLU A 455 -1.39 -42.36 -1.97
CA GLU A 455 -0.26 -43.06 -1.37
C GLU A 455 0.63 -42.12 -0.58
N GLU A 456 0.87 -40.91 -1.10
CA GLU A 456 1.68 -39.95 -0.38
C GLU A 456 1.01 -39.55 0.93
N LEU A 457 -0.31 -39.39 0.92
CA LEU A 457 -1.00 -39.04 2.15
C LEU A 457 -0.90 -40.17 3.19
N GLU A 458 -1.08 -41.41 2.75
CA GLU A 458 -0.95 -42.54 3.66
C GLU A 458 0.45 -42.62 4.25
N ARG A 459 1.47 -42.45 3.39
CA ARG A 459 2.85 -42.55 3.86
C ARG A 459 3.19 -41.40 4.80
N ALA A 460 2.69 -40.20 4.52
CA ALA A 460 2.93 -39.08 5.43
C ALA A 460 2.27 -39.31 6.78
N ALA A 461 1.05 -39.85 6.78
CA ALA A 461 0.38 -40.16 8.04
C ALA A 461 1.18 -41.18 8.84
N SER A 462 1.65 -42.25 8.19
CA SER A 462 2.42 -43.26 8.90
C SER A 462 3.74 -42.70 9.41
N THR A 463 4.41 -41.88 8.61
CA THR A 463 5.67 -41.26 9.04
C THR A 463 5.47 -40.40 10.28
N ILE A 464 4.46 -39.52 10.25
CA ILE A 464 4.21 -38.65 11.39
C ILE A 464 3.82 -39.47 12.60
N LYS A 465 3.07 -40.55 12.40
CA LYS A 465 2.68 -41.41 13.52
C LYS A 465 3.90 -42.02 14.18
N GLU A 466 4.80 -42.60 13.39
CA GLU A 466 5.99 -43.23 13.95
C GLU A 466 6.89 -42.20 14.64
N VAL A 467 7.07 -41.04 14.02
CA VAL A 467 7.92 -40.01 14.61
C VAL A 467 7.34 -39.50 15.92
N ALA A 468 6.03 -39.28 15.96
CA ALA A 468 5.40 -38.79 17.19
C ALA A 468 5.53 -39.81 18.31
N GLN A 469 5.28 -41.09 18.03
CA GLN A 469 5.46 -42.10 19.08
C GLN A 469 6.91 -42.19 19.52
N ALA A 470 7.84 -41.95 18.60
CA ALA A 470 9.26 -42.03 18.96
C ALA A 470 9.67 -40.86 19.87
N VAL A 471 9.13 -39.66 19.60
CA VAL A 471 9.62 -38.48 20.29
C VAL A 471 8.84 -38.20 21.57
N LEU A 472 7.51 -38.23 21.49
CA LEU A 472 6.70 -37.85 22.64
C LEU A 472 6.77 -38.88 23.75
N LEU A 473 7.35 -40.04 23.48
CA LEU A 473 7.53 -41.06 24.50
C LEU A 473 8.68 -40.65 25.42
N GLY B 53 28.05 20.90 9.98
CA GLY B 53 27.38 20.86 8.69
C GLY B 53 28.21 21.43 7.56
N LEU B 54 28.99 20.56 6.92
CA LEU B 54 29.87 20.95 5.84
C LEU B 54 29.30 20.45 4.52
N TYR B 55 29.18 21.35 3.55
CA TYR B 55 28.71 21.02 2.21
C TYR B 55 29.89 21.09 1.25
N LYS B 56 30.18 19.98 0.58
CA LYS B 56 31.26 19.98 -0.39
C LYS B 56 30.96 20.91 -1.56
N ARG B 57 29.71 20.94 -1.98
CA ARG B 57 29.26 21.66 -3.18
C ARG B 57 28.01 22.45 -2.82
N PRO B 58 27.83 23.63 -3.42
CA PRO B 58 26.76 24.52 -2.97
C PRO B 58 25.38 23.89 -3.02
N PHE B 59 24.56 24.27 -2.04
CA PHE B 59 23.21 23.75 -1.86
C PHE B 59 22.22 24.86 -2.15
N ASN B 60 21.55 24.80 -3.31
CA ASN B 60 20.66 25.84 -3.76
C ASN B 60 19.23 25.29 -3.82
N GLU B 61 18.29 26.04 -3.26
CA GLU B 61 16.87 25.72 -3.37
C GLU B 61 16.08 27.01 -3.30
N ALA B 62 14.89 27.01 -3.91
CA ALA B 62 14.02 28.17 -3.93
C ALA B 62 12.57 27.74 -3.76
N PHE B 63 11.86 28.39 -2.85
CA PHE B 63 10.43 28.16 -2.65
C PHE B 63 9.76 29.53 -2.63
N GLU B 64 9.38 30.00 -3.82
CA GLU B 64 8.81 31.34 -3.94
C GLU B 64 7.45 31.40 -3.26
N GLU B 65 7.22 32.48 -2.51
CA GLU B 65 5.97 32.62 -1.77
C GLU B 65 4.82 32.98 -2.72
N THR B 66 3.63 32.57 -2.32
CA THR B 66 2.45 32.77 -3.16
C THR B 66 2.12 34.26 -3.24
N PRO B 67 1.64 34.75 -4.39
CA PRO B 67 1.13 36.11 -4.44
C PRO B 67 -0.13 36.26 -3.60
N MET B 68 -0.39 37.49 -3.15
CA MET B 68 -1.57 37.73 -2.32
C MET B 68 -2.85 37.61 -3.14
N LEU B 69 -2.86 38.22 -4.33
CA LEU B 69 -4.07 38.22 -5.16
C LEU B 69 -4.45 36.80 -5.55
N VAL B 70 -3.45 35.97 -5.86
CA VAL B 70 -3.72 34.59 -6.25
C VAL B 70 -4.34 33.82 -5.09
N ALA B 71 -3.84 34.03 -3.88
CA ALA B 71 -4.43 33.37 -2.71
C ALA B 71 -5.87 33.82 -2.49
N VAL B 72 -6.13 35.12 -2.64
CA VAL B 72 -7.50 35.61 -2.50
C VAL B 72 -8.41 34.94 -3.53
N LEU B 73 -7.97 34.86 -4.78
CA LEU B 73 -8.79 34.24 -5.81
C LEU B 73 -9.00 32.76 -5.55
N THR B 74 -7.99 32.08 -5.03
CA THR B 74 -8.15 30.67 -4.67
C THR B 74 -9.21 30.49 -3.61
N TYR B 75 -9.18 31.33 -2.57
CA TYR B 75 -10.20 31.24 -1.53
C TYR B 75 -11.59 31.53 -2.09
N VAL B 76 -11.70 32.52 -2.99
CA VAL B 76 -13.00 32.84 -3.57
C VAL B 76 -13.53 31.65 -4.37
N GLY B 77 -12.68 31.05 -5.20
CA GLY B 77 -13.12 29.90 -5.99
C GLY B 77 -13.53 28.73 -5.12
N TYR B 78 -12.75 28.43 -4.08
CA TYR B 78 -13.11 27.33 -3.19
C TYR B 78 -14.42 27.62 -2.46
N GLY B 79 -14.65 28.87 -2.07
CA GLY B 79 -15.91 29.22 -1.42
C GLY B 79 -17.10 29.04 -2.35
N VAL B 80 -16.94 29.47 -3.61
CA VAL B 80 -18.03 29.31 -4.58
C VAL B 80 -18.34 27.84 -4.79
N LEU B 81 -17.29 27.02 -4.94
CA LEU B 81 -17.51 25.59 -5.14
C LEU B 81 -18.18 24.96 -3.93
N THR B 82 -17.77 25.36 -2.72
CA THR B 82 -18.39 24.81 -1.51
C THR B 82 -19.87 25.20 -1.42
N LEU B 83 -20.20 26.45 -1.75
CA LEU B 83 -21.59 26.87 -1.70
C LEU B 83 -22.43 26.10 -2.70
N PHE B 84 -21.93 25.92 -3.92
CA PHE B 84 -22.71 25.19 -4.91
C PHE B 84 -22.79 23.70 -4.56
N GLY B 85 -21.78 23.18 -3.86
CA GLY B 85 -21.89 21.84 -3.33
C GLY B 85 -22.98 21.72 -2.28
N TYR B 86 -23.11 22.71 -1.42
CA TYR B 86 -24.24 22.75 -0.49
C TYR B 86 -25.56 22.76 -1.23
N LEU B 87 -25.65 23.58 -2.29
CA LEU B 87 -26.91 23.64 -3.04
C LEU B 87 -27.24 22.31 -3.69
N ARG B 88 -26.24 21.65 -4.29
CA ARG B 88 -26.48 20.35 -4.90
C ARG B 88 -26.88 19.31 -3.87
N ASP B 89 -26.24 19.33 -2.69
CA ASP B 89 -26.62 18.40 -1.63
C ASP B 89 -28.06 18.63 -1.20
N PHE B 90 -28.45 19.89 -1.05
CA PHE B 90 -29.83 20.19 -0.66
C PHE B 90 -30.82 19.73 -1.72
N LEU B 91 -30.49 19.93 -2.99
CA LEU B 91 -31.36 19.47 -4.07
C LEU B 91 -31.50 17.96 -4.05
N ARG B 92 -30.38 17.26 -3.83
CA ARG B 92 -30.43 15.80 -3.78
C ARG B 92 -31.22 15.31 -2.57
N TYR B 93 -31.22 16.09 -1.49
CA TYR B 93 -31.98 15.69 -0.30
C TYR B 93 -33.48 15.65 -0.60
N TRP B 94 -33.99 16.65 -1.34
CA TRP B 94 -35.41 16.72 -1.63
C TRP B 94 -35.82 15.84 -2.80
N ARG B 95 -34.89 15.09 -3.40
CA ARG B 95 -35.15 14.19 -4.51
C ARG B 95 -35.67 14.91 -5.75
N ILE B 96 -35.35 16.20 -5.91
CA ILE B 96 -35.73 16.89 -7.14
C ILE B 96 -34.96 16.32 -8.33
N GLU B 97 -33.74 15.83 -8.08
CA GLU B 97 -32.94 15.15 -9.08
C GLU B 97 -32.44 13.83 -8.52
N LYS B 98 -32.48 12.79 -9.33
CA LYS B 98 -32.04 11.48 -8.87
C LYS B 98 -30.55 11.51 -8.52
N CYS B 99 -30.20 10.87 -7.42
CA CYS B 99 -28.83 10.80 -6.95
C CYS B 99 -28.15 9.61 -7.59
N HIS B 100 -27.25 9.88 -8.55
CA HIS B 100 -26.55 8.79 -9.23
C HIS B 100 -25.66 8.04 -8.27
N HIS B 101 -25.20 8.70 -7.21
CA HIS B 101 -24.47 8.00 -6.16
C HIS B 101 -25.34 6.90 -5.56
N ALA B 102 -24.76 5.72 -5.41
CA ALA B 102 -25.52 4.57 -4.94
C ALA B 102 -25.99 4.78 -3.51
N THR B 103 -27.12 4.15 -3.19
CA THR B 103 -27.68 4.19 -1.85
C THR B 103 -27.74 2.78 -1.28
N GLU B 104 -27.73 2.69 0.05
CA GLU B 104 -27.71 1.38 0.70
C GLU B 104 -29.03 0.66 0.46
N ARG B 105 -29.01 -0.65 0.69
CA ARG B 105 -30.16 -1.49 0.41
C ARG B 105 -31.36 -1.08 1.27
N GLU B 106 -32.54 -1.53 0.84
CA GLU B 106 -33.77 -1.14 1.52
C GLU B 106 -33.81 -1.69 2.94
N GLU B 107 -33.44 -2.95 3.13
CA GLU B 107 -33.55 -3.55 4.45
C GLU B 107 -32.46 -3.07 5.39
N GLN B 108 -31.48 -2.35 4.86
CA GLN B 108 -30.43 -1.74 5.66
C GLN B 108 -30.66 -0.24 5.87
N LYS B 109 -31.84 0.26 5.51
CA LYS B 109 -32.12 1.68 5.72
C LYS B 109 -32.32 2.00 7.20
N ASP B 110 -32.74 1.01 7.99
CA ASP B 110 -32.91 1.24 9.43
C ASP B 110 -31.57 1.32 10.15
N PHE B 111 -30.50 0.85 9.50
CA PHE B 111 -29.19 0.89 10.13
C PHE B 111 -28.69 2.33 10.24
N VAL B 112 -27.74 2.54 11.14
CA VAL B 112 -27.05 3.82 11.21
C VAL B 112 -26.37 4.08 9.88
N SER B 113 -26.38 5.34 9.44
CA SER B 113 -25.81 5.68 8.16
C SER B 113 -24.32 5.32 8.12
N LEU B 114 -23.93 4.59 7.07
CA LEU B 114 -22.53 4.16 6.97
C LEU B 114 -21.59 5.34 6.78
N TYR B 115 -21.97 6.29 5.94
CA TYR B 115 -21.13 7.43 5.61
C TYR B 115 -21.79 8.70 6.14
N GLN B 116 -21.00 9.51 6.85
CA GLN B 116 -21.44 10.87 7.14
C GLN B 116 -21.30 11.70 5.88
N ASP B 117 -22.37 12.41 5.52
CA ASP B 117 -22.41 13.12 4.24
C ASP B 117 -21.28 14.13 4.13
N PHE B 118 -21.15 14.99 5.15
CA PHE B 118 -20.14 16.07 5.11
C PHE B 118 -18.72 15.49 5.01
N GLU B 119 -18.51 14.27 5.50
CA GLU B 119 -17.18 13.62 5.38
C GLU B 119 -16.84 13.41 3.90
N ASN B 120 -17.84 13.00 3.09
CA ASN B 120 -17.60 12.72 1.65
C ASN B 120 -17.90 13.97 0.81
N PHE B 121 -18.28 15.08 1.46
CA PHE B 121 -18.64 16.31 0.71
C PHE B 121 -17.56 16.65 -0.33
N TYR B 122 -16.28 16.59 0.06
CA TYR B 122 -15.22 16.93 -0.88
C TYR B 122 -15.20 15.98 -2.06
N THR B 123 -15.45 14.69 -1.81
CA THR B 123 -15.47 13.74 -2.91
C THR B 123 -16.71 13.93 -3.78
N ARG B 124 -17.83 14.32 -3.19
CA ARG B 124 -19.09 14.31 -3.92
C ARG B 124 -19.23 15.51 -4.84
N ASN B 125 -18.74 16.67 -4.42
CA ASN B 125 -18.98 17.92 -5.14
C ASN B 125 -17.70 18.52 -5.70
N LEU B 126 -16.54 18.18 -5.14
CA LEU B 126 -15.30 18.76 -5.65
C LEU B 126 -14.54 17.77 -6.52
N TYR B 127 -14.24 16.60 -5.99
CA TYR B 127 -13.43 15.63 -6.72
C TYR B 127 -14.17 15.07 -7.93
N MET B 128 -15.48 14.85 -7.80
CA MET B 128 -16.21 14.15 -8.85
C MET B 128 -16.27 14.96 -10.14
N ARG B 129 -16.18 16.29 -10.03
CA ARG B 129 -16.33 17.13 -11.21
C ARG B 129 -15.19 16.95 -12.19
N ILE B 130 -13.96 16.85 -11.70
CA ILE B 130 -12.79 16.75 -12.55
C ILE B 130 -12.12 15.37 -12.42
N ARG B 131 -12.90 14.34 -12.15
CA ARG B 131 -12.34 13.01 -11.93
C ARG B 131 -11.66 12.46 -13.18
N ASP B 132 -11.95 13.02 -14.35
CA ASP B 132 -11.44 12.44 -15.59
C ASP B 132 -9.93 12.53 -15.69
N ASN B 133 -9.32 13.51 -15.03
CA ASN B 133 -7.87 13.67 -15.12
C ASN B 133 -7.13 12.47 -14.54
N TRP B 134 -7.62 11.94 -13.42
CA TRP B 134 -6.93 10.87 -12.74
C TRP B 134 -7.47 9.51 -13.15
N ASN B 135 -6.72 8.46 -12.81
CA ASN B 135 -7.09 7.07 -13.12
C ASN B 135 -7.24 6.87 -14.63
N ARG B 136 -6.27 7.35 -15.39
CA ARG B 136 -6.33 7.19 -16.85
C ARG B 136 -5.74 5.84 -17.24
N PRO B 137 -6.53 4.94 -17.82
CA PRO B 137 -5.98 3.63 -18.19
C PRO B 137 -4.97 3.74 -19.32
N ILE B 138 -3.94 2.90 -19.26
CA ILE B 138 -2.94 2.82 -20.31
C ILE B 138 -2.86 1.38 -20.79
N CYS B 139 -2.34 1.18 -22.00
CA CYS B 139 -2.27 -0.14 -22.60
C CYS B 139 -0.93 -0.40 -23.29
N SER B 140 0.17 0.10 -22.76
CA SER B 140 1.49 -0.14 -23.32
C SER B 140 2.53 0.04 -22.24
N VAL B 141 3.78 -0.26 -22.60
CA VAL B 141 4.88 -0.11 -21.62
C VAL B 141 5.02 1.35 -21.24
N PRO B 142 5.11 1.69 -19.96
CA PRO B 142 5.17 3.10 -19.54
C PRO B 142 6.55 3.71 -19.71
N GLY B 143 7.00 3.77 -20.96
CA GLY B 143 8.28 4.38 -21.30
C GLY B 143 8.15 5.86 -21.54
N ALA B 144 8.97 6.37 -22.45
CA ALA B 144 8.88 7.78 -22.84
C ALA B 144 7.54 8.06 -23.52
N ARG B 145 7.09 7.15 -24.37
CA ARG B 145 5.82 7.27 -25.06
C ARG B 145 4.89 6.16 -24.58
N VAL B 146 3.66 6.53 -24.21
CA VAL B 146 2.68 5.59 -23.68
C VAL B 146 1.38 5.76 -24.44
N ASP B 147 0.58 4.70 -24.46
CA ASP B 147 -0.72 4.70 -25.11
C ASP B 147 -1.81 4.75 -24.06
N ILE B 148 -2.79 5.63 -24.24
CA ILE B 148 -3.86 5.84 -23.28
C ILE B 148 -5.18 5.44 -23.93
N MET B 149 -5.95 4.61 -23.24
CA MET B 149 -7.27 4.24 -23.72
C MET B 149 -8.23 5.40 -23.51
N GLU B 150 -8.79 5.90 -24.60
CA GLU B 150 -9.69 7.06 -24.52
C GLU B 150 -10.98 6.69 -23.82
N ARG B 151 -11.52 7.63 -23.04
CA ARG B 151 -12.77 7.43 -22.34
C ARG B 151 -13.53 8.76 -22.29
N GLN B 152 -14.85 8.66 -22.30
CA GLN B 152 -15.72 9.83 -22.21
C GLN B 152 -16.92 9.49 -21.33
N SER B 153 -17.52 10.52 -20.76
CA SER B 153 -18.64 10.36 -19.83
C SER B 153 -19.80 11.25 -20.27
N HIS B 154 -21.02 10.80 -19.99
CA HIS B 154 -22.23 11.52 -20.35
C HIS B 154 -22.90 12.19 -19.16
N ASP B 155 -22.62 11.74 -17.94
CA ASP B 155 -23.27 12.24 -16.74
C ASP B 155 -22.29 13.00 -15.86
N TYR B 156 -21.41 13.78 -16.49
CA TYR B 156 -20.45 14.63 -15.78
C TYR B 156 -19.59 13.82 -14.82
N ASN B 157 -18.82 12.88 -15.39
CA ASN B 157 -17.80 12.10 -14.71
C ASN B 157 -18.35 11.17 -13.64
N TRP B 158 -19.67 10.95 -13.58
CA TRP B 158 -20.19 9.98 -12.63
C TRP B 158 -19.89 8.55 -13.06
N SER B 159 -20.05 8.26 -14.35
CA SER B 159 -19.73 6.95 -14.90
C SER B 159 -18.99 7.15 -16.22
N PHE B 160 -17.99 6.30 -16.45
CA PHE B 160 -17.12 6.42 -17.61
C PHE B 160 -17.39 5.28 -18.58
N LYS B 161 -17.48 5.62 -19.86
CA LYS B 161 -17.69 4.66 -20.93
C LYS B 161 -16.49 4.71 -21.87
N TYR B 162 -15.85 3.56 -22.07
CA TYR B 162 -14.67 3.50 -22.92
C TYR B 162 -15.08 3.51 -24.39
N THR B 163 -14.61 4.51 -25.12
CA THR B 163 -14.81 4.58 -26.56
C THR B 163 -13.72 3.76 -27.25
N GLY B 164 -13.94 3.52 -28.54
CA GLY B 164 -13.05 2.61 -29.27
C GLY B 164 -11.63 3.14 -29.41
N ASN B 165 -11.48 4.43 -29.67
CA ASN B 165 -10.19 4.98 -30.04
C ASN B 165 -9.21 4.92 -28.87
N ILE B 166 -7.91 4.87 -29.20
CA ILE B 166 -6.84 4.93 -28.22
C ILE B 166 -5.82 5.96 -28.70
N ILE B 167 -5.35 6.80 -27.78
CA ILE B 167 -4.34 7.79 -28.12
C ILE B 167 -2.97 7.15 -28.12
N LYS B 168 -2.21 7.35 -29.19
CA LYS B 168 -0.93 6.68 -29.38
C LYS B 168 0.21 7.68 -29.29
N GLY B 169 1.31 7.24 -28.68
CA GLY B 169 2.51 8.05 -28.61
C GLY B 169 2.37 9.31 -27.77
N VAL B 170 1.74 9.20 -26.61
CA VAL B 170 1.65 10.32 -25.68
C VAL B 170 2.97 10.46 -24.93
N ILE B 171 3.51 11.69 -24.90
CA ILE B 171 4.69 11.94 -24.09
C ILE B 171 4.31 11.77 -22.62
N ASN B 172 5.09 10.97 -21.90
CA ASN B 172 4.74 10.54 -20.56
C ASN B 172 5.60 11.26 -19.54
N MET B 173 4.96 11.89 -18.56
CA MET B 173 5.65 12.51 -17.45
C MET B 173 5.17 12.02 -16.08
N GLY B 174 4.15 11.17 -16.04
CA GLY B 174 3.66 10.68 -14.76
C GLY B 174 4.48 9.53 -14.21
N SER B 175 4.80 8.55 -15.06
CA SER B 175 5.56 7.39 -14.62
C SER B 175 6.97 7.80 -14.21
N TYR B 176 7.54 7.05 -13.26
CA TYR B 176 8.81 7.47 -12.69
C TYR B 176 10.00 7.07 -13.56
N ASN B 177 10.27 5.77 -13.66
CA ASN B 177 11.30 5.16 -14.51
C ASN B 177 12.51 6.07 -14.71
N TYR B 178 13.05 6.59 -13.61
CA TYR B 178 14.08 7.62 -13.69
C TYR B 178 15.24 7.19 -14.57
N LEU B 179 15.76 5.99 -14.36
CA LEU B 179 16.89 5.47 -15.11
C LEU B 179 16.44 4.76 -16.39
N GLY B 180 15.15 4.78 -16.70
CA GLY B 180 14.67 4.19 -17.94
C GLY B 180 14.86 2.70 -18.02
N PHE B 181 14.53 1.98 -16.95
CA PHE B 181 14.65 0.52 -16.93
C PHE B 181 13.32 -0.17 -17.22
N ALA B 182 12.28 0.59 -17.59
CA ALA B 182 10.97 0.00 -17.88
C ALA B 182 10.86 -0.22 -19.38
N ARG B 183 11.42 -1.32 -19.87
CA ARG B 183 11.31 -1.69 -21.27
C ARG B 183 10.91 -3.16 -21.34
N ASN B 184 10.18 -3.51 -22.41
CA ASN B 184 9.76 -4.89 -22.61
C ASN B 184 10.82 -5.71 -23.34
N THR B 185 11.95 -5.10 -23.70
CA THR B 185 13.05 -5.80 -24.33
C THR B 185 14.34 -5.51 -23.58
N GLY B 186 15.30 -6.40 -23.72
CA GLY B 186 16.58 -6.23 -23.06
C GLY B 186 17.00 -7.52 -22.37
N SER B 187 18.13 -7.43 -21.66
CA SER B 187 18.62 -8.58 -20.91
C SER B 187 17.77 -8.82 -19.67
N CYS B 188 17.27 -7.75 -19.06
CA CYS B 188 16.42 -7.91 -17.87
C CYS B 188 15.16 -8.71 -18.20
N GLN B 189 14.52 -8.40 -19.32
CA GLN B 189 13.31 -9.12 -19.70
C GLN B 189 13.59 -10.59 -19.95
N GLU B 190 14.71 -10.90 -20.61
CA GLU B 190 15.03 -12.30 -20.88
C GLU B 190 15.34 -13.06 -19.60
N ALA B 191 16.10 -12.45 -18.69
CA ALA B 191 16.38 -13.11 -17.41
C ALA B 191 15.10 -13.32 -16.62
N ALA B 192 14.22 -12.32 -16.61
CA ALA B 192 12.94 -12.48 -15.93
C ALA B 192 12.11 -13.58 -16.55
N ALA B 193 12.13 -13.69 -17.88
CA ALA B 193 11.38 -14.76 -18.55
C ALA B 193 11.92 -16.13 -18.16
N LYS B 194 13.25 -16.28 -18.11
CA LYS B 194 13.82 -17.57 -17.73
C LYS B 194 13.46 -17.93 -16.29
N VAL B 195 13.58 -16.98 -15.37
CA VAL B 195 13.25 -17.25 -13.98
C VAL B 195 11.76 -17.54 -13.83
N LEU B 196 10.92 -16.85 -14.60
CA LEU B 196 9.49 -17.14 -14.57
C LEU B 196 9.21 -18.55 -15.04
N GLU B 197 9.89 -18.98 -16.11
CA GLU B 197 9.67 -20.32 -16.63
C GLU B 197 10.12 -21.39 -15.64
N GLU B 198 11.22 -21.13 -14.92
CA GLU B 198 11.76 -22.12 -13.99
C GLU B 198 10.99 -22.12 -12.67
N TYR B 199 11.04 -21.01 -11.94
CA TYR B 199 10.45 -20.96 -10.60
C TYR B 199 8.93 -20.87 -10.66
N GLY B 200 8.39 -20.08 -11.58
CA GLY B 200 6.97 -19.80 -11.59
C GLY B 200 6.67 -18.45 -10.95
N ALA B 201 5.44 -17.99 -11.18
CA ALA B 201 5.00 -16.68 -10.73
C ALA B 201 4.36 -16.79 -9.36
N GLY B 202 4.92 -16.08 -8.39
CA GLY B 202 4.35 -16.06 -7.05
C GLY B 202 4.89 -17.18 -6.17
N VAL B 203 4.88 -16.91 -4.87
CA VAL B 203 5.24 -17.90 -3.85
C VAL B 203 4.08 -17.97 -2.87
N CYS B 204 3.95 -19.11 -2.20
CA CYS B 204 2.74 -19.42 -1.45
C CYS B 204 2.98 -19.59 0.05
N SER B 205 4.01 -18.98 0.62
CA SER B 205 4.23 -19.06 2.05
C SER B 205 5.10 -17.90 2.52
N THR B 206 5.08 -17.66 3.83
CA THR B 206 5.87 -16.59 4.41
C THR B 206 7.34 -16.99 4.51
N ARG B 207 8.18 -15.99 4.78
CA ARG B 207 9.62 -16.22 4.75
C ARG B 207 10.06 -17.15 5.88
N GLN B 208 9.51 -16.98 7.08
CA GLN B 208 9.90 -17.85 8.19
C GLN B 208 9.51 -19.29 7.94
N GLU B 209 8.38 -19.52 7.30
CA GLU B 209 7.96 -20.85 6.88
C GLU B 209 8.69 -21.23 5.60
N ILE B 210 8.21 -22.28 4.92
CA ILE B 210 8.88 -22.79 3.71
C ILE B 210 8.91 -21.78 2.58
N GLY B 211 8.35 -20.59 2.76
CA GLY B 211 8.29 -19.63 1.66
C GLY B 211 9.62 -18.99 1.33
N ASN B 212 10.62 -19.17 2.19
CA ASN B 212 11.94 -18.63 1.91
C ASN B 212 12.54 -19.30 0.69
N LEU B 213 13.37 -18.56 -0.04
CA LEU B 213 13.88 -19.00 -1.33
C LEU B 213 15.30 -18.48 -1.50
N ASP B 214 16.09 -19.17 -2.33
CA ASP B 214 17.50 -18.81 -2.48
C ASP B 214 17.66 -17.50 -3.26
N LYS B 215 16.74 -17.23 -4.19
CA LYS B 215 16.79 -15.96 -4.92
C LYS B 215 16.72 -14.79 -3.96
N HIS B 216 15.95 -14.92 -2.88
CA HIS B 216 15.89 -13.87 -1.88
C HIS B 216 17.24 -13.67 -1.21
N GLU B 217 17.95 -14.77 -0.92
CA GLU B 217 19.28 -14.65 -0.34
C GLU B 217 20.23 -13.92 -1.28
N GLU B 218 20.19 -14.27 -2.58
CA GLU B 218 21.05 -13.58 -3.54
C GLU B 218 20.71 -12.10 -3.62
N LEU B 219 19.42 -11.78 -3.66
CA LEU B 219 19.01 -10.37 -3.74
C LEU B 219 19.47 -9.60 -2.51
N GLU B 220 19.32 -10.19 -1.33
CA GLU B 220 19.72 -9.49 -0.10
C GLU B 220 21.22 -9.25 -0.09
N GLU B 221 22.00 -10.24 -0.48
CA GLU B 221 23.45 -10.05 -0.51
C GLU B 221 23.84 -8.98 -1.52
N LEU B 222 23.21 -9.00 -2.70
CA LEU B 222 23.52 -7.99 -3.71
C LEU B 222 23.15 -6.59 -3.23
N VAL B 223 22.01 -6.45 -2.55
CA VAL B 223 21.63 -5.14 -2.03
C VAL B 223 22.63 -4.66 -1.00
N ALA B 224 23.06 -5.57 -0.11
CA ALA B 224 24.04 -5.19 0.91
C ALA B 224 25.33 -4.72 0.26
N ARG B 225 25.77 -5.41 -0.79
CA ARG B 225 26.97 -4.95 -1.51
C ARG B 225 26.74 -3.61 -2.18
N PHE B 226 25.56 -3.42 -2.76
CA PHE B 226 25.29 -2.20 -3.54
C PHE B 226 25.26 -0.97 -2.66
N LEU B 227 24.50 -1.01 -1.57
CA LEU B 227 24.38 0.17 -0.71
C LEU B 227 25.73 0.52 -0.07
N GLY B 228 26.46 -0.47 0.41
CA GLY B 228 27.64 -0.25 1.21
C GLY B 228 27.47 -0.61 2.67
N VAL B 229 26.24 -0.90 3.11
CA VAL B 229 26.02 -1.31 4.48
C VAL B 229 26.32 -2.80 4.63
N GLU B 230 26.42 -3.24 5.89
CA GLU B 230 26.82 -4.62 6.16
C GLU B 230 25.75 -5.62 5.75
N ALA B 231 24.48 -5.32 6.01
CA ALA B 231 23.43 -6.29 5.72
C ALA B 231 22.15 -5.57 5.31
N ALA B 232 21.26 -6.32 4.67
CA ALA B 232 20.00 -5.78 4.17
C ALA B 232 18.98 -6.89 4.06
N MET B 233 17.71 -6.49 3.97
CA MET B 233 16.60 -7.42 3.86
C MET B 233 15.52 -6.83 2.95
N ALA B 234 14.89 -7.70 2.16
CA ALA B 234 13.94 -7.30 1.13
C ALA B 234 12.52 -7.59 1.55
N TYR B 235 11.58 -6.91 0.91
CA TYR B 235 10.19 -6.86 1.33
C TYR B 235 9.26 -6.71 0.13
N GLY B 236 8.01 -7.12 0.31
CA GLY B 236 7.07 -7.12 -0.79
C GLY B 236 6.71 -5.73 -1.29
N MET B 237 6.52 -4.80 -0.36
CA MET B 237 6.06 -3.46 -0.73
C MET B 237 6.66 -2.44 0.22
N GLY B 238 7.10 -1.31 -0.34
CA GLY B 238 7.72 -0.27 0.49
C GLY B 238 6.76 0.30 1.51
N PHE B 239 5.51 0.52 1.12
CA PHE B 239 4.49 0.90 2.09
C PHE B 239 4.40 -0.12 3.21
N ALA B 240 4.39 -1.40 2.84
CA ALA B 240 4.43 -2.46 3.86
C ALA B 240 5.71 -2.39 4.66
N THR B 241 6.84 -2.11 4.00
CA THR B 241 8.10 -2.00 4.73
C THR B 241 8.00 -1.00 5.87
N ASN B 242 7.54 0.22 5.57
CA ASN B 242 7.40 1.23 6.61
C ASN B 242 6.39 0.80 7.67
N SER B 243 5.18 0.45 7.23
CA SER B 243 4.09 0.23 8.17
C SER B 243 4.34 -1.00 9.05
N MET B 244 5.22 -1.90 8.62
CA MET B 244 5.48 -3.12 9.36
C MET B 244 6.83 -3.11 10.06
N ASN B 245 7.67 -2.12 9.82
CA ASN B 245 8.98 -2.11 10.45
C ASN B 245 9.25 -0.89 11.31
N ILE B 246 8.45 0.17 11.20
CA ILE B 246 8.48 1.22 12.22
C ILE B 246 8.03 0.67 13.58
N PRO B 247 6.93 -0.08 13.70
CA PRO B 247 6.54 -0.56 15.04
C PRO B 247 7.56 -1.49 15.68
N ALA B 248 8.30 -2.26 14.89
CA ALA B 248 9.23 -3.22 15.47
C ALA B 248 10.37 -2.51 16.19
N LEU B 249 10.88 -1.42 15.63
CA LEU B 249 12.06 -0.77 16.19
C LEU B 249 11.74 -0.08 17.51
N VAL B 250 10.67 0.71 17.55
CA VAL B 250 10.36 1.55 18.69
C VAL B 250 9.09 1.06 19.36
N GLY B 251 9.03 1.20 20.69
CA GLY B 251 7.85 0.84 21.45
C GLY B 251 7.40 1.99 22.32
N LYS B 252 6.43 1.70 23.18
CA LYS B 252 5.93 2.71 24.10
C LYS B 252 7.04 3.20 25.03
N GLY B 253 7.09 4.50 25.23
CA GLY B 253 8.18 5.11 25.99
C GLY B 253 9.30 5.67 25.14
N CYS B 254 9.11 5.77 23.83
CA CYS B 254 10.10 6.31 22.92
C CYS B 254 9.50 7.48 22.15
N LEU B 255 10.37 8.34 21.63
CA LEU B 255 9.96 9.52 20.89
C LEU B 255 10.28 9.35 19.41
N ILE B 256 9.36 9.81 18.57
CA ILE B 256 9.55 9.80 17.12
C ILE B 256 9.39 11.23 16.61
N LEU B 257 10.47 11.79 16.09
CA LEU B 257 10.45 13.12 15.50
C LEU B 257 10.24 12.97 14.00
N SER B 258 9.03 13.28 13.54
CA SER B 258 8.64 13.07 12.16
C SER B 258 8.60 14.39 11.42
N ASP B 259 9.14 14.40 10.21
CA ASP B 259 9.15 15.60 9.40
C ASP B 259 7.72 15.99 9.02
N GLU B 260 7.51 17.28 8.77
CA GLU B 260 6.16 17.79 8.54
C GLU B 260 5.55 17.21 7.28
N LEU B 261 6.35 16.94 6.25
CA LEU B 261 5.85 16.47 4.97
C LEU B 261 6.18 15.00 4.72
N ASN B 262 6.16 14.18 5.77
CA ASN B 262 6.52 12.78 5.62
C ASN B 262 5.46 12.02 4.83
N HIS B 263 5.89 10.92 4.22
CA HIS B 263 4.98 10.05 3.49
C HIS B 263 3.91 9.49 4.41
N ALA B 264 2.79 9.06 3.82
CA ALA B 264 1.71 8.48 4.61
C ALA B 264 2.14 7.18 5.27
N SER B 265 2.99 6.39 4.59
CA SER B 265 3.44 5.12 5.17
C SER B 265 4.22 5.35 6.46
N LEU B 266 5.08 6.35 6.48
CA LEU B 266 5.85 6.63 7.69
C LEU B 266 4.95 7.04 8.84
N VAL B 267 3.95 7.88 8.55
CA VAL B 267 3.03 8.31 9.60
C VAL B 267 2.23 7.12 10.13
N LEU B 268 1.76 6.26 9.23
CA LEU B 268 1.01 5.08 9.68
C LEU B 268 1.88 4.16 10.53
N GLY B 269 3.13 3.94 10.10
CA GLY B 269 4.04 3.12 10.89
C GLY B 269 4.30 3.70 12.26
N ALA B 270 4.48 5.01 12.34
CA ALA B 270 4.67 5.65 13.63
C ALA B 270 3.44 5.52 14.51
N ARG B 271 2.24 5.67 13.92
CA ARG B 271 1.02 5.56 14.70
C ARG B 271 0.82 4.14 15.23
N LEU B 272 1.16 3.13 14.43
CA LEU B 272 0.93 1.76 14.87
C LEU B 272 1.71 1.44 16.14
N SER B 273 2.94 1.90 16.23
CA SER B 273 3.69 1.77 17.48
C SER B 273 3.17 2.79 18.49
N GLY B 274 3.47 2.53 19.76
CA GLY B 274 3.02 3.39 20.83
C GLY B 274 3.88 4.60 21.10
N ALA B 275 4.92 4.83 20.30
CA ALA B 275 5.84 5.92 20.57
C ALA B 275 5.17 7.28 20.39
N THR B 276 5.55 8.23 21.23
CA THR B 276 5.05 9.59 21.12
C THR B 276 5.60 10.25 19.87
N ILE B 277 4.75 11.01 19.19
CA ILE B 277 5.10 11.65 17.91
C ILE B 277 5.08 13.15 18.08
N ARG B 278 6.18 13.81 17.72
CA ARG B 278 6.26 15.26 17.66
C ARG B 278 6.81 15.65 16.29
N ILE B 279 6.23 16.70 15.71
CA ILE B 279 6.48 17.06 14.32
C ILE B 279 7.24 18.38 14.28
N PHE B 280 8.37 18.39 13.58
CA PHE B 280 9.14 19.60 13.40
C PHE B 280 8.88 20.19 12.02
N LYS B 281 9.31 21.44 11.84
CA LYS B 281 9.09 22.13 10.58
C LYS B 281 9.92 21.53 9.47
N HIS B 282 9.42 21.61 8.24
CA HIS B 282 10.03 20.92 7.12
C HIS B 282 11.38 21.53 6.78
N ASN B 283 12.44 20.73 6.93
CA ASN B 283 13.81 21.14 6.61
C ASN B 283 14.21 22.41 7.33
N ASN B 284 13.86 22.50 8.62
CA ASN B 284 14.20 23.65 9.46
C ASN B 284 15.02 23.13 10.63
N MET B 285 16.35 23.20 10.50
CA MET B 285 17.22 22.55 11.47
C MET B 285 17.14 23.22 12.84
N GLN B 286 16.79 24.51 12.88
CA GLN B 286 16.58 25.15 14.16
C GLN B 286 15.43 24.51 14.93
N SER B 287 14.34 24.21 14.22
CA SER B 287 13.20 23.55 14.84
C SER B 287 13.59 22.17 15.37
N LEU B 288 14.35 21.42 14.57
CA LEU B 288 14.77 20.09 14.99
C LEU B 288 15.67 20.17 16.22
N GLU B 289 16.61 21.11 16.24
CA GLU B 289 17.49 21.26 17.39
C GLU B 289 16.70 21.63 18.64
N LYS B 290 15.74 22.55 18.50
CA LYS B 290 14.92 22.94 19.64
C LYS B 290 14.14 21.75 20.18
N LEU B 291 13.53 20.96 19.28
CA LEU B 291 12.77 19.80 19.71
C LEU B 291 13.66 18.79 20.40
N LEU B 292 14.87 18.55 19.87
CA LEU B 292 15.78 17.60 20.48
C LEU B 292 16.19 18.06 21.88
N LYS B 293 16.53 19.34 22.02
CA LYS B 293 16.91 19.86 23.33
C LYS B 293 15.77 19.69 24.33
N ASP B 294 14.57 20.12 23.96
CA ASP B 294 13.45 20.04 24.89
C ASP B 294 13.12 18.61 25.26
N ALA B 295 13.13 17.70 24.27
CA ALA B 295 12.81 16.31 24.54
C ALA B 295 13.84 15.67 25.46
N ILE B 296 15.12 15.94 25.22
CA ILE B 296 16.16 15.34 26.05
C ILE B 296 16.09 15.88 27.47
N VAL B 297 15.86 17.19 27.62
CA VAL B 297 15.88 17.79 28.95
C VAL B 297 14.65 17.38 29.74
N TYR B 298 13.46 17.68 29.21
CA TYR B 298 12.24 17.56 30.00
C TYR B 298 11.83 16.10 30.19
N GLY B 299 11.88 15.30 29.12
CA GLY B 299 11.54 13.91 29.27
C GLY B 299 10.09 13.60 28.90
N GLN B 300 9.62 12.46 29.38
CA GLN B 300 8.28 12.00 29.04
C GLN B 300 7.23 12.94 29.63
N PRO B 301 6.10 13.14 28.95
CA PRO B 301 5.17 14.20 29.39
C PRO B 301 4.48 13.91 30.72
N ARG B 302 3.85 12.73 30.85
CA ARG B 302 3.09 12.45 32.07
C ARG B 302 4.00 12.40 33.29
N THR B 303 5.06 11.61 33.21
CA THR B 303 6.07 11.52 34.26
C THR B 303 7.42 11.84 33.65
N ARG B 304 8.12 12.81 34.22
CA ARG B 304 9.37 13.30 33.63
C ARG B 304 10.47 12.27 33.86
N ARG B 305 10.31 11.11 33.22
CA ARG B 305 11.32 10.08 33.09
C ARG B 305 12.03 10.22 31.75
N PRO B 306 13.32 9.91 31.67
CA PRO B 306 14.05 10.10 30.42
C PRO B 306 13.52 9.20 29.32
N TRP B 307 13.62 9.67 28.09
CA TRP B 307 13.21 8.88 26.93
C TRP B 307 14.13 7.67 26.77
N LYS B 308 13.54 6.56 26.32
CA LYS B 308 14.34 5.36 26.09
C LYS B 308 15.16 5.50 24.80
N LYS B 309 14.50 5.86 23.70
CA LYS B 309 15.16 6.08 22.43
C LYS B 309 14.52 7.27 21.73
N ILE B 310 15.32 7.97 20.93
CA ILE B 310 14.84 9.08 20.12
C ILE B 310 15.17 8.78 18.67
N LEU B 311 14.13 8.73 17.83
CA LEU B 311 14.25 8.33 16.44
C LEU B 311 13.79 9.47 15.55
N ILE B 312 14.57 9.78 14.52
CA ILE B 312 14.28 10.86 13.59
C ILE B 312 14.01 10.25 12.22
N LEU B 313 12.82 10.48 11.69
CA LEU B 313 12.43 9.96 10.38
C LEU B 313 12.59 11.08 9.36
N VAL B 314 13.42 10.84 8.35
CA VAL B 314 13.57 11.80 7.25
C VAL B 314 13.53 11.04 5.94
N GLU B 315 13.29 11.78 4.86
CA GLU B 315 13.20 11.21 3.53
C GLU B 315 14.30 11.77 2.64
N GLY B 316 14.67 11.00 1.62
CA GLY B 316 15.68 11.48 0.69
C GLY B 316 15.20 12.65 -0.14
N ILE B 317 14.20 12.42 -0.97
CA ILE B 317 13.59 13.46 -1.79
C ILE B 317 12.09 13.42 -1.58
N TYR B 318 11.52 14.55 -1.17
CA TYR B 318 10.07 14.63 -0.97
C TYR B 318 9.39 14.74 -2.33
N SER B 319 8.49 13.80 -2.62
CA SER B 319 7.91 13.71 -3.96
C SER B 319 7.14 14.98 -4.32
N MET B 320 6.21 15.38 -3.46
CA MET B 320 5.40 16.57 -3.75
C MET B 320 6.22 17.85 -3.64
N GLU B 321 6.96 18.00 -2.54
CA GLU B 321 7.67 19.25 -2.30
C GLU B 321 8.86 19.40 -3.23
N GLY B 322 9.61 18.32 -3.47
CA GLY B 322 10.73 18.35 -4.37
C GLY B 322 12.04 18.82 -3.78
N SER B 323 12.17 18.80 -2.45
CA SER B 323 13.35 19.32 -1.79
C SER B 323 14.20 18.17 -1.24
N ILE B 324 15.51 18.27 -1.42
CA ILE B 324 16.41 17.28 -0.86
C ILE B 324 16.71 17.63 0.60
N VAL B 325 16.73 16.60 1.45
CA VAL B 325 16.92 16.84 2.87
C VAL B 325 18.35 17.31 3.15
N ARG B 326 18.49 18.18 4.15
CA ARG B 326 19.79 18.70 4.56
C ARG B 326 20.48 17.63 5.41
N LEU B 327 21.06 16.65 4.74
CA LEU B 327 21.61 15.50 5.45
C LEU B 327 22.78 15.81 6.37
N PRO B 328 23.81 16.58 5.97
CA PRO B 328 24.95 16.78 6.88
C PRO B 328 24.58 17.42 8.20
N GLU B 329 23.67 18.40 8.19
CA GLU B 329 23.24 19.02 9.44
C GLU B 329 22.47 18.02 10.30
N VAL B 330 21.64 17.20 9.67
CA VAL B 330 20.88 16.20 10.41
C VAL B 330 21.83 15.22 11.08
N ILE B 331 22.87 14.79 10.37
CA ILE B 331 23.84 13.85 10.96
C ILE B 331 24.61 14.51 12.09
N ALA B 332 24.99 15.78 11.92
CA ALA B 332 25.67 16.49 12.99
C ALA B 332 24.81 16.55 14.24
N LEU B 333 23.53 16.90 14.08
CA LEU B 333 22.63 16.96 15.23
C LEU B 333 22.45 15.58 15.86
N LYS B 334 22.32 14.54 15.03
CA LYS B 334 22.13 13.19 15.54
C LYS B 334 23.34 12.75 16.37
N LYS B 335 24.55 13.04 15.89
CA LYS B 335 25.74 12.68 16.65
C LYS B 335 25.84 13.49 17.94
N LYS B 336 25.49 14.78 17.88
CA LYS B 336 25.61 15.62 19.07
C LYS B 336 24.61 15.23 20.16
N TYR B 337 23.39 14.86 19.77
CA TYR B 337 22.34 14.58 20.73
C TYR B 337 22.01 13.09 20.86
N LYS B 338 22.83 12.21 20.29
CA LYS B 338 22.73 10.77 20.52
C LYS B 338 21.35 10.23 20.10
N ALA B 339 20.89 10.61 18.91
CA ALA B 339 19.64 10.09 18.40
C ALA B 339 19.90 8.97 17.39
N TYR B 340 18.83 8.45 16.80
CA TYR B 340 18.92 7.46 15.74
C TYR B 340 18.21 7.99 14.50
N LEU B 341 18.66 7.54 13.34
CA LEU B 341 18.22 8.10 12.06
C LEU B 341 17.59 7.02 11.19
N TYR B 342 16.43 7.35 10.62
CA TYR B 342 15.72 6.48 9.69
C TYR B 342 15.54 7.24 8.39
N LEU B 343 16.28 6.83 7.36
CA LEU B 343 16.35 7.57 6.10
C LEU B 343 15.57 6.81 5.03
N ASP B 344 14.53 7.44 4.51
CA ASP B 344 13.69 6.89 3.45
C ASP B 344 14.22 7.39 2.11
N GLU B 345 14.83 6.50 1.34
CA GLU B 345 15.40 6.84 0.04
C GLU B 345 14.56 6.32 -1.11
N ALA B 346 13.23 6.40 -0.98
CA ALA B 346 12.36 5.88 -2.02
C ALA B 346 12.58 6.60 -3.34
N HIS B 347 12.67 7.93 -3.31
CA HIS B 347 12.75 8.72 -4.53
C HIS B 347 14.18 9.10 -4.92
N SER B 348 15.19 8.64 -4.19
CA SER B 348 16.55 9.09 -4.41
C SER B 348 17.55 7.94 -4.51
N ILE B 349 17.10 6.70 -4.57
CA ILE B 349 18.01 5.57 -4.58
C ILE B 349 18.81 5.54 -5.88
N GLY B 350 18.16 5.84 -6.99
CA GLY B 350 18.85 5.77 -8.27
C GLY B 350 19.05 7.12 -8.93
N ALA B 351 18.20 8.09 -8.59
CA ALA B 351 18.23 9.38 -9.28
C ALA B 351 19.49 10.16 -8.95
N LEU B 352 19.92 10.15 -7.69
CA LEU B 352 20.96 11.04 -7.22
C LEU B 352 22.26 10.29 -6.96
N GLY B 353 23.38 10.94 -7.28
CA GLY B 353 24.69 10.38 -7.05
C GLY B 353 25.52 10.33 -8.32
N PRO B 354 26.84 10.46 -8.16
CA PRO B 354 27.72 10.33 -9.35
C PRO B 354 27.60 8.99 -10.04
N THR B 355 27.32 7.92 -9.27
CA THR B 355 27.06 6.61 -9.84
C THR B 355 25.70 6.05 -9.42
N GLY B 356 24.83 6.89 -8.87
CA GLY B 356 23.49 6.46 -8.53
C GLY B 356 23.37 5.67 -7.25
N ARG B 357 24.27 5.89 -6.28
CA ARG B 357 24.18 5.17 -5.02
C ARG B 357 23.07 5.71 -4.14
N GLY B 358 22.81 7.01 -4.20
CA GLY B 358 21.75 7.59 -3.42
C GLY B 358 22.07 9.02 -3.03
N VAL B 359 21.36 9.50 -2.02
CA VAL B 359 21.62 10.85 -1.51
C VAL B 359 22.90 10.88 -0.69
N VAL B 360 23.25 9.75 -0.06
CA VAL B 360 24.45 9.69 0.75
C VAL B 360 25.69 9.93 -0.11
N GLU B 361 25.73 9.31 -1.29
CA GLU B 361 26.84 9.59 -2.20
C GLU B 361 26.72 10.98 -2.79
N TYR B 362 25.50 11.50 -2.89
CA TYR B 362 25.31 12.85 -3.41
C TYR B 362 25.98 13.87 -2.48
N PHE B 363 25.86 13.68 -1.17
CA PHE B 363 26.46 14.59 -0.21
C PHE B 363 27.87 14.18 0.20
N GLY B 364 28.37 13.05 -0.28
CA GLY B 364 29.70 12.61 0.06
C GLY B 364 29.87 12.10 1.47
N LEU B 365 28.81 11.68 2.14
CA LEU B 365 28.89 11.23 3.52
C LEU B 365 29.15 9.73 3.58
N ASP B 366 29.36 9.24 4.79
CA ASP B 366 29.67 7.83 5.02
C ASP B 366 28.38 7.05 5.23
N PRO B 367 28.19 5.91 4.55
CA PRO B 367 26.93 5.17 4.70
C PRO B 367 26.70 4.63 6.09
N GLU B 368 27.75 4.46 6.89
CA GLU B 368 27.59 3.87 8.22
C GLU B 368 26.96 4.82 9.22
N ASP B 369 26.90 6.12 8.91
CA ASP B 369 26.35 7.08 9.87
C ASP B 369 24.84 6.93 10.00
N VAL B 370 24.16 6.60 8.92
CA VAL B 370 22.72 6.43 8.93
C VAL B 370 22.39 5.07 9.55
N ASP B 371 21.55 5.08 10.59
CA ASP B 371 21.28 3.85 11.31
C ASP B 371 20.39 2.91 10.49
N VAL B 372 19.32 3.44 9.90
CA VAL B 372 18.41 2.63 9.09
C VAL B 372 18.27 3.28 7.72
N MET B 373 18.46 2.48 6.66
CA MET B 373 18.40 2.96 5.29
C MET B 373 17.32 2.20 4.55
N MET B 374 16.14 2.78 4.42
CA MET B 374 15.06 2.11 3.70
C MET B 374 15.04 2.60 2.26
N GLY B 375 14.62 1.73 1.35
CA GLY B 375 14.50 2.11 -0.04
C GLY B 375 13.44 1.29 -0.73
N THR B 376 13.06 1.74 -1.92
CA THR B 376 12.00 1.12 -2.70
C THR B 376 12.49 0.89 -4.13
N PHE B 377 12.25 -0.30 -4.66
CA PHE B 377 12.76 -0.62 -5.99
C PHE B 377 11.87 -0.07 -7.08
N THR B 378 10.63 0.30 -6.75
CA THR B 378 9.64 0.66 -7.75
C THR B 378 10.02 1.91 -8.55
N LYS B 379 10.52 2.93 -7.86
CA LYS B 379 10.70 4.23 -8.49
C LYS B 379 11.74 4.18 -9.61
N SER B 380 12.85 3.47 -9.38
CA SER B 380 13.96 3.49 -10.33
C SER B 380 14.24 2.15 -10.98
N PHE B 381 14.29 1.07 -10.21
CA PHE B 381 14.73 -0.21 -10.75
C PHE B 381 13.67 -0.86 -11.62
N GLY B 382 12.45 -0.35 -11.61
CA GLY B 382 11.40 -0.87 -12.45
C GLY B 382 10.75 -2.15 -11.97
N ALA B 383 10.72 -2.39 -10.66
CA ALA B 383 10.04 -3.55 -10.09
C ALA B 383 9.57 -3.22 -8.68
N SER B 384 8.43 -3.78 -8.31
CA SER B 384 7.86 -3.50 -6.99
C SER B 384 8.62 -4.23 -5.90
N GLY B 385 8.71 -3.59 -4.75
CA GLY B 385 9.39 -4.17 -3.60
C GLY B 385 9.98 -3.09 -2.73
N GLY B 386 10.63 -3.53 -1.66
CA GLY B 386 11.28 -2.62 -0.74
C GLY B 386 12.46 -3.29 -0.08
N TYR B 387 13.25 -2.49 0.64
CA TYR B 387 14.41 -3.04 1.32
C TYR B 387 14.79 -2.15 2.50
N ILE B 388 15.46 -2.76 3.47
CA ILE B 388 16.07 -2.04 4.59
C ILE B 388 17.51 -2.51 4.74
N GLY B 389 18.42 -1.55 4.85
CA GLY B 389 19.82 -1.84 5.07
C GLY B 389 20.35 -1.22 6.35
N GLY B 390 21.29 -1.93 6.97
CA GLY B 390 21.91 -1.48 8.21
C GLY B 390 22.95 -2.46 8.66
N LYS B 391 23.34 -2.32 9.94
CA LYS B 391 24.32 -3.19 10.56
C LYS B 391 23.76 -4.60 10.72
N LYS B 392 24.63 -5.56 11.05
CA LYS B 392 24.22 -6.96 11.07
C LYS B 392 23.19 -7.23 12.17
N GLU B 393 23.37 -6.64 13.35
CA GLU B 393 22.45 -6.90 14.45
C GLU B 393 21.05 -6.40 14.13
N LEU B 394 20.95 -5.23 13.50
CA LEU B 394 19.64 -4.71 13.12
C LEU B 394 18.94 -5.65 12.15
N ILE B 395 19.67 -6.18 11.18
CA ILE B 395 19.06 -7.05 10.19
C ILE B 395 18.65 -8.38 10.83
N ASP B 396 19.47 -8.91 11.74
CA ASP B 396 19.08 -10.14 12.42
C ASP B 396 17.81 -9.92 13.24
N TYR B 397 17.74 -8.82 13.98
CA TYR B 397 16.55 -8.55 14.78
C TYR B 397 15.33 -8.36 13.88
N LEU B 398 15.50 -7.73 12.72
CA LEU B 398 14.38 -7.56 11.81
C LEU B 398 13.92 -8.88 11.22
N ARG B 399 14.88 -9.75 10.84
CA ARG B 399 14.51 -11.07 10.35
C ARG B 399 13.72 -11.83 11.40
N THR B 400 14.10 -11.70 12.67
CA THR B 400 13.40 -12.44 13.71
C THR B 400 12.04 -11.82 14.04
N HIS B 401 11.94 -10.50 14.09
CA HIS B 401 10.80 -9.83 14.71
C HIS B 401 10.05 -8.87 13.79
N SER B 402 10.04 -9.09 12.49
CA SER B 402 9.28 -8.21 11.60
C SER B 402 7.90 -8.80 11.31
N HIS B 403 6.91 -7.92 11.16
CA HIS B 403 5.58 -8.38 10.78
C HIS B 403 5.57 -9.00 9.38
N SER B 404 6.30 -8.39 8.46
CA SER B 404 6.32 -8.88 7.08
C SER B 404 6.98 -10.25 6.99
N ALA B 405 8.00 -10.48 7.82
CA ALA B 405 8.69 -11.78 7.78
C ALA B 405 7.78 -12.90 8.24
N VAL B 406 6.90 -12.61 9.20
CA VAL B 406 6.12 -13.68 9.82
C VAL B 406 4.77 -13.87 9.13
N TYR B 407 4.01 -12.79 8.97
CA TYR B 407 2.61 -12.90 8.57
C TYR B 407 2.36 -12.48 7.12
N ALA B 408 3.40 -12.38 6.30
CA ALA B 408 3.22 -11.87 4.95
C ALA B 408 3.97 -12.73 3.95
N THR B 409 3.48 -12.71 2.70
CA THR B 409 4.07 -13.52 1.65
C THR B 409 5.36 -12.90 1.14
N SER B 410 6.26 -13.76 0.67
CA SER B 410 7.56 -13.33 0.18
C SER B 410 7.42 -12.60 -1.15
N LEU B 411 8.57 -12.22 -1.71
CA LEU B 411 8.57 -11.46 -2.96
C LEU B 411 8.68 -12.40 -4.16
N SER B 412 8.07 -11.98 -5.27
CA SER B 412 7.96 -12.86 -6.43
C SER B 412 9.32 -13.08 -7.07
N PRO B 413 9.56 -14.26 -7.64
CA PRO B 413 10.88 -14.56 -8.22
C PRO B 413 11.20 -13.75 -9.47
N PRO B 414 10.28 -13.61 -10.44
CA PRO B 414 10.63 -12.77 -11.60
C PRO B 414 10.98 -11.34 -11.22
N VAL B 415 10.30 -10.79 -10.22
CA VAL B 415 10.58 -9.43 -9.77
C VAL B 415 12.01 -9.34 -9.21
N VAL B 416 12.40 -10.31 -8.36
CA VAL B 416 13.73 -10.26 -7.77
C VAL B 416 14.79 -10.47 -8.84
N GLU B 417 14.48 -11.29 -9.86
CA GLU B 417 15.43 -11.44 -10.96
C GLU B 417 15.62 -10.14 -11.71
N GLN B 418 14.52 -9.43 -11.98
CA GLN B 418 14.65 -8.16 -12.70
C GLN B 418 15.40 -7.13 -11.87
N ILE B 419 15.17 -7.12 -10.55
CA ILE B 419 15.90 -6.22 -9.67
C ILE B 419 17.40 -6.54 -9.69
N ILE B 420 17.74 -7.83 -9.62
CA ILE B 420 19.15 -8.23 -9.64
C ILE B 420 19.80 -7.80 -10.95
N THR B 421 19.10 -8.00 -12.06
CA THR B 421 19.67 -7.61 -13.35
C THR B 421 19.86 -6.10 -13.44
N SER B 422 18.89 -5.33 -12.95
CA SER B 422 19.02 -3.87 -12.97
C SER B 422 20.20 -3.41 -12.11
N MET B 423 20.35 -3.98 -10.91
CA MET B 423 21.46 -3.60 -10.05
C MET B 423 22.80 -3.97 -10.66
N LYS B 424 22.91 -5.16 -11.26
CA LYS B 424 24.18 -5.54 -11.88
C LYS B 424 24.44 -4.72 -13.13
N CYS B 425 23.39 -4.14 -13.72
CA CYS B 425 23.60 -3.22 -14.83
C CYS B 425 24.15 -1.89 -14.34
N ILE B 426 23.58 -1.36 -13.26
CA ILE B 426 24.05 -0.07 -12.73
C ILE B 426 25.46 -0.19 -12.18
N MET B 427 25.74 -1.24 -11.41
CA MET B 427 27.02 -1.39 -10.73
C MET B 427 28.17 -1.61 -11.70
N GLY B 428 27.89 -1.87 -12.97
CA GLY B 428 28.94 -2.12 -13.94
C GLY B 428 29.41 -3.55 -14.03
N GLN B 429 28.84 -4.46 -13.23
CA GLN B 429 29.24 -5.85 -13.30
C GLN B 429 28.73 -6.51 -14.58
N ASP B 430 27.82 -5.84 -15.28
CA ASP B 430 27.28 -6.39 -16.52
C ASP B 430 28.34 -6.41 -17.62
N GLY B 431 29.27 -5.45 -17.59
CA GLY B 431 30.23 -5.26 -18.66
C GLY B 431 29.85 -4.18 -19.65
N THR B 432 28.59 -3.76 -19.65
CA THR B 432 28.14 -2.69 -20.53
C THR B 432 28.46 -1.34 -19.88
N SER B 433 28.65 -0.33 -20.73
CA SER B 433 28.84 1.05 -20.29
C SER B 433 27.52 1.79 -20.08
N LEU B 434 26.39 1.09 -20.10
CA LEU B 434 25.10 1.74 -19.99
C LEU B 434 24.85 2.26 -18.58
N GLY B 435 25.63 1.80 -17.61
CA GLY B 435 25.38 2.19 -16.23
C GLY B 435 25.59 3.68 -15.98
N LYS B 436 26.70 4.23 -16.48
CA LYS B 436 27.04 5.61 -16.19
C LYS B 436 26.25 6.58 -17.08
N GLU B 437 26.05 6.21 -18.35
CA GLU B 437 25.40 7.12 -19.28
C GLU B 437 23.97 7.42 -18.86
N CYS B 438 23.28 6.44 -18.27
CA CYS B 438 21.92 6.70 -17.81
C CYS B 438 21.89 7.80 -16.75
N VAL B 439 22.80 7.74 -15.78
CA VAL B 439 22.82 8.75 -14.73
C VAL B 439 23.22 10.10 -15.30
N GLN B 440 24.23 10.13 -16.17
CA GLN B 440 24.63 11.41 -16.75
C GLN B 440 23.51 12.03 -17.56
N GLN B 441 22.79 11.20 -18.33
CA GLN B 441 21.68 11.72 -19.12
C GLN B 441 20.56 12.22 -18.24
N LEU B 442 20.28 11.52 -17.13
CA LEU B 442 19.27 12.00 -16.21
C LEU B 442 19.64 13.36 -15.63
N ALA B 443 20.92 13.51 -15.25
CA ALA B 443 21.36 14.80 -14.70
C ALA B 443 21.21 15.91 -15.72
N GLU B 444 21.65 15.68 -16.96
CA GLU B 444 21.53 16.70 -17.99
C GLU B 444 20.07 17.05 -18.25
N ASN B 445 19.20 16.05 -18.33
CA ASN B 445 17.79 16.30 -18.58
C ASN B 445 17.20 17.15 -17.47
N THR B 446 17.49 16.80 -16.21
CA THR B 446 16.93 17.57 -15.09
C THR B 446 17.39 19.01 -15.13
N ARG B 447 18.69 19.24 -15.33
CA ARG B 447 19.20 20.61 -15.32
C ARG B 447 18.61 21.42 -16.46
N TYR B 448 18.58 20.84 -17.67
CA TYR B 448 18.05 21.56 -18.82
C TYR B 448 16.58 21.90 -18.64
N PHE B 449 15.79 20.92 -18.18
CA PHE B 449 14.36 21.14 -18.01
C PHE B 449 14.09 22.22 -16.98
N ARG B 450 14.78 22.16 -15.84
CA ARG B 450 14.54 23.15 -14.79
C ARG B 450 14.95 24.54 -15.24
N ARG B 451 16.10 24.66 -15.92
CA ARG B 451 16.52 25.97 -16.39
C ARG B 451 15.52 26.55 -17.39
N ARG B 452 15.06 25.72 -18.34
CA ARG B 452 14.12 26.20 -19.34
C ARG B 452 12.80 26.63 -18.70
N LEU B 453 12.32 25.86 -17.72
CA LEU B 453 11.09 26.25 -17.04
C LEU B 453 11.26 27.57 -16.30
N LYS B 454 12.39 27.74 -15.61
CA LYS B 454 12.59 28.96 -14.84
C LYS B 454 12.74 30.17 -15.75
N GLU B 455 13.32 29.99 -16.95
CA GLU B 455 13.46 31.12 -17.86
C GLU B 455 12.12 31.63 -18.34
N MET B 456 11.11 30.76 -18.40
CA MET B 456 9.80 31.18 -18.88
C MET B 456 9.06 32.02 -17.84
N GLY B 457 9.10 31.61 -16.58
CA GLY B 457 8.49 32.36 -15.52
C GLY B 457 7.53 31.62 -14.63
N PHE B 458 7.47 30.30 -14.72
CA PHE B 458 6.62 29.52 -13.83
C PHE B 458 7.23 29.49 -12.43
N ILE B 459 6.38 29.29 -11.42
CA ILE B 459 6.87 29.08 -10.07
C ILE B 459 7.26 27.61 -9.90
N ILE B 460 8.50 27.38 -9.50
CA ILE B 460 9.05 26.02 -9.40
C ILE B 460 9.60 25.82 -8.00
N TYR B 461 9.36 24.64 -7.44
CA TYR B 461 9.74 24.30 -6.07
C TYR B 461 10.93 23.36 -6.08
N GLY B 462 11.69 23.35 -4.99
CA GLY B 462 12.64 22.30 -4.72
C GLY B 462 14.05 22.67 -5.12
N ASN B 463 14.97 21.76 -4.79
CA ASN B 463 16.37 21.90 -5.14
C ASN B 463 16.57 21.73 -6.63
N GLU B 464 17.63 22.37 -7.16
CA GLU B 464 17.85 22.35 -8.60
C GLU B 464 18.25 20.96 -9.09
N ASP B 465 18.91 20.17 -8.25
CA ASP B 465 19.33 18.84 -8.68
C ASP B 465 18.20 17.84 -8.62
N SER B 466 17.08 18.20 -7.99
CA SER B 466 15.99 17.27 -7.81
C SER B 466 15.33 16.96 -9.16
N PRO B 467 15.24 15.69 -9.55
CA PRO B 467 14.60 15.38 -10.84
C PRO B 467 13.11 15.67 -10.86
N VAL B 468 12.42 15.47 -9.73
CA VAL B 468 10.99 15.75 -9.68
C VAL B 468 10.77 17.27 -9.68
N VAL B 469 9.93 17.73 -10.60
CA VAL B 469 9.72 19.15 -10.85
C VAL B 469 8.26 19.49 -10.58
N PRO B 470 7.94 20.11 -9.46
CA PRO B 470 6.57 20.59 -9.27
C PRO B 470 6.36 22.00 -9.79
N LEU B 471 5.33 22.19 -10.61
CA LEU B 471 4.93 23.48 -11.13
C LEU B 471 3.64 23.89 -10.44
N MET B 472 3.48 25.17 -10.15
CA MET B 472 2.43 25.63 -9.25
C MET B 472 1.26 26.19 -10.06
N LEU B 473 0.04 25.75 -9.70
CA LEU B 473 -1.15 26.25 -10.40
C LEU B 473 -1.94 27.21 -9.52
N TYR B 474 -2.18 26.83 -8.26
CA TYR B 474 -2.75 27.64 -7.18
C TYR B 474 -4.26 27.80 -7.21
N MET B 475 -4.97 27.27 -8.20
CA MET B 475 -6.40 27.55 -8.31
C MET B 475 -7.16 26.25 -8.56
N PRO B 476 -8.42 26.18 -8.13
CA PRO B 476 -9.15 24.91 -8.25
C PRO B 476 -9.45 24.51 -9.68
N ALA B 477 -10.06 25.41 -10.48
CA ALA B 477 -10.44 25.05 -11.83
C ALA B 477 -9.23 24.80 -12.71
N LYS B 478 -8.13 25.52 -12.45
CA LYS B 478 -6.93 25.33 -13.25
C LYS B 478 -6.35 23.94 -13.10
N ILE B 479 -6.61 23.24 -12.00
CA ILE B 479 -6.13 21.87 -11.85
C ILE B 479 -6.70 21.00 -12.97
N GLY B 480 -8.01 21.05 -13.17
CA GLY B 480 -8.61 20.30 -14.26
C GLY B 480 -8.24 20.85 -15.62
N ALA B 481 -8.22 22.18 -15.75
CA ALA B 481 -7.98 22.79 -17.05
C ALA B 481 -6.59 22.44 -17.58
N PHE B 482 -5.57 22.49 -16.72
CA PHE B 482 -4.21 22.19 -17.15
C PHE B 482 -4.09 20.75 -17.62
N GLY B 483 -4.67 19.81 -16.87
CA GLY B 483 -4.61 18.43 -17.28
C GLY B 483 -5.30 18.19 -18.61
N ARG B 484 -6.50 18.75 -18.78
CA ARG B 484 -7.22 18.53 -20.04
C ARG B 484 -6.48 19.15 -21.21
N GLU B 485 -5.98 20.39 -21.04
CA GLU B 485 -5.28 21.04 -22.13
C GLU B 485 -3.99 20.33 -22.49
N MET B 486 -3.24 19.86 -21.49
CA MET B 486 -2.02 19.12 -21.78
C MET B 486 -2.32 17.81 -22.49
N LEU B 487 -3.35 17.09 -22.06
CA LEU B 487 -3.69 15.84 -22.73
C LEU B 487 -4.12 16.09 -24.16
N LYS B 488 -4.83 17.19 -24.40
CA LYS B 488 -5.26 17.50 -25.76
C LYS B 488 -4.07 17.71 -26.69
N ARG B 489 -3.00 18.33 -26.19
CA ARG B 489 -1.82 18.63 -26.99
C ARG B 489 -0.81 17.49 -26.98
N ASN B 490 -1.21 16.27 -26.62
CA ASN B 490 -0.40 15.06 -26.65
C ASN B 490 0.74 15.05 -25.65
N ILE B 491 0.52 15.56 -24.43
CA ILE B 491 1.43 15.37 -23.31
C ILE B 491 0.63 14.92 -22.11
N GLY B 492 1.09 13.87 -21.44
CA GLY B 492 0.44 13.38 -20.25
C GLY B 492 1.16 13.87 -19.00
N VAL B 493 0.40 14.51 -18.12
CA VAL B 493 0.94 15.07 -16.89
C VAL B 493 0.07 14.61 -15.72
N VAL B 494 0.59 14.82 -14.52
CA VAL B 494 -0.09 14.48 -13.29
C VAL B 494 -0.28 15.75 -12.46
N VAL B 495 -1.49 15.94 -11.95
CA VAL B 495 -1.82 17.08 -11.10
C VAL B 495 -2.33 16.55 -9.77
N VAL B 496 -2.02 17.27 -8.69
CA VAL B 496 -2.32 16.82 -7.34
C VAL B 496 -3.09 17.93 -6.63
N GLY B 497 -4.06 17.54 -5.80
CA GLY B 497 -4.89 18.52 -5.12
C GLY B 497 -4.89 18.44 -3.61
N PHE B 498 -6.03 18.75 -3.00
CA PHE B 498 -6.11 18.88 -1.55
C PHE B 498 -5.81 17.60 -0.78
N PRO B 499 -6.23 16.40 -1.21
CA PRO B 499 -5.92 15.21 -0.40
C PRO B 499 -4.43 15.03 -0.12
N ALA B 500 -3.55 15.46 -1.02
CA ALA B 500 -2.11 15.26 -0.83
C ALA B 500 -1.32 16.56 -0.77
N THR B 501 -1.96 17.71 -0.91
CA THR B 501 -1.30 18.99 -0.84
C THR B 501 -2.15 19.95 -0.03
N PRO B 502 -1.57 21.03 0.49
CA PRO B 502 -2.38 22.06 1.15
C PRO B 502 -3.38 22.66 0.17
N ILE B 503 -4.42 23.29 0.75
CA ILE B 503 -5.53 23.78 -0.05
C ILE B 503 -5.07 24.85 -1.04
N ILE B 504 -4.22 25.77 -0.59
CA ILE B 504 -3.77 26.86 -1.47
C ILE B 504 -2.83 26.32 -2.54
N GLU B 505 -1.92 25.43 -2.15
CA GLU B 505 -0.86 24.95 -3.05
C GLU B 505 -1.35 23.73 -3.81
N SER B 506 -1.68 23.92 -5.08
CA SER B 506 -2.06 22.84 -5.99
C SER B 506 -1.07 22.80 -7.13
N ARG B 507 -0.44 21.65 -7.34
CA ARG B 507 0.73 21.56 -8.21
C ARG B 507 0.62 20.42 -9.20
N ALA B 508 1.27 20.61 -10.35
CA ALA B 508 1.41 19.60 -11.39
C ALA B 508 2.85 19.09 -11.33
N ARG B 509 3.01 17.78 -11.27
CA ARG B 509 4.33 17.18 -11.09
C ARG B 509 4.87 16.65 -12.40
N PHE B 510 6.17 16.83 -12.62
CA PHE B 510 6.88 16.21 -13.73
C PHE B 510 7.97 15.31 -13.17
N CYS B 511 8.11 14.12 -13.72
CA CYS B 511 9.13 13.17 -13.30
C CYS B 511 10.04 12.88 -14.49
N LEU B 512 11.20 13.53 -14.53
CA LEU B 512 12.12 13.36 -15.64
C LEU B 512 12.68 11.94 -15.65
N SER B 513 13.27 11.56 -16.78
CA SER B 513 13.80 10.22 -16.95
C SER B 513 15.00 10.25 -17.88
N ALA B 514 15.80 9.19 -17.82
CA ALA B 514 16.91 9.05 -18.76
C ALA B 514 16.44 8.55 -20.11
N ALA B 515 15.19 8.11 -20.20
CA ALA B 515 14.65 7.68 -21.49
C ALA B 515 14.40 8.85 -22.42
N HIS B 516 14.03 10.01 -21.85
CA HIS B 516 13.70 11.17 -22.67
C HIS B 516 14.93 11.68 -23.40
N THR B 517 14.79 11.86 -24.71
CA THR B 517 15.80 12.53 -25.51
C THR B 517 15.50 14.02 -25.55
N LYS B 518 16.35 14.77 -26.25
CA LYS B 518 16.21 16.23 -26.24
C LYS B 518 14.95 16.67 -26.98
N GLU B 519 14.62 16.01 -28.08
CA GLU B 519 13.48 16.46 -28.90
C GLU B 519 12.16 16.33 -28.14
N ILE B 520 12.02 15.26 -27.35
CA ILE B 520 10.83 15.11 -26.53
C ILE B 520 10.72 16.26 -25.54
N LEU B 521 11.83 16.62 -24.90
CA LEU B 521 11.82 17.75 -23.98
C LEU B 521 11.50 19.06 -24.69
N ASP B 522 12.01 19.22 -25.92
CA ASP B 522 11.74 20.45 -26.66
C ASP B 522 10.24 20.59 -26.97
N THR B 523 9.63 19.53 -27.48
CA THR B 523 8.21 19.59 -27.78
C THR B 523 7.39 19.81 -26.52
N ALA B 524 7.76 19.11 -25.43
CA ALA B 524 7.04 19.28 -24.18
C ALA B 524 7.14 20.71 -23.68
N LEU B 525 8.33 21.31 -23.78
CA LEU B 525 8.51 22.68 -23.31
C LEU B 525 7.73 23.67 -24.15
N LYS B 526 7.70 23.47 -25.47
CA LYS B 526 6.92 24.37 -26.31
C LYS B 526 5.44 24.30 -25.97
N GLU B 527 4.91 23.09 -25.82
CA GLU B 527 3.49 22.96 -25.48
C GLU B 527 3.19 23.52 -24.10
N ILE B 528 4.10 23.32 -23.15
CA ILE B 528 3.89 23.86 -21.80
C ILE B 528 3.89 25.38 -21.83
N ASP B 529 4.78 25.98 -22.62
CA ASP B 529 4.79 27.43 -22.75
C ASP B 529 3.48 27.94 -23.34
N GLU B 530 2.99 27.27 -24.40
CA GLU B 530 1.73 27.70 -25.00
C GLU B 530 0.57 27.59 -24.02
N VAL B 531 0.50 26.49 -23.27
CA VAL B 531 -0.59 26.30 -22.33
C VAL B 531 -0.50 27.31 -21.18
N GLY B 532 0.73 27.59 -20.72
CA GLY B 532 0.89 28.58 -19.68
C GLY B 532 0.45 29.97 -20.12
N ASP B 533 0.76 30.33 -21.37
CA ASP B 533 0.24 31.59 -21.90
C ASP B 533 -1.28 31.56 -21.99
N LEU B 534 -1.85 30.40 -22.34
CA LEU B 534 -3.30 30.30 -22.48
C LEU B 534 -4.00 30.50 -21.15
N LEU B 535 -3.47 29.94 -20.07
CA LEU B 535 -4.13 29.99 -18.76
C LEU B 535 -3.51 31.00 -17.81
N GLN B 536 -2.48 31.73 -18.23
CA GLN B 536 -1.80 32.72 -17.39
C GLN B 536 -1.27 32.07 -16.11
N LEU B 537 -0.35 31.13 -16.28
CA LEU B 537 0.23 30.40 -15.17
C LEU B 537 1.60 30.93 -14.74
N LYS B 538 2.07 32.01 -15.37
CA LYS B 538 3.40 32.56 -15.08
C LYS B 538 3.26 33.59 -13.97
N TYR B 539 3.52 33.18 -12.72
CA TYR B 539 3.37 34.05 -11.57
C TYR B 539 4.70 34.61 -11.06
N SER B 540 5.83 34.04 -11.46
CA SER B 540 7.12 34.39 -10.89
C SER B 540 7.52 35.79 -11.35
N ARG B 541 7.93 36.63 -10.39
CA ARG B 541 8.24 38.02 -10.71
C ARG B 541 9.72 38.21 -11.00
N HIS B 542 10.58 37.37 -10.45
CA HIS B 542 12.02 37.59 -10.54
C HIS B 542 12.51 37.50 -11.98
N ARG B 543 12.20 36.41 -12.68
CA ARG B 543 12.69 36.21 -14.03
C ARG B 543 11.58 35.66 -14.90
N LEU B 544 11.08 36.50 -15.81
CA LEU B 544 10.00 36.10 -16.71
C LEU B 544 10.30 36.55 -18.15
N ARG C 8 -10.62 39.95 -35.11
CA ARG C 8 -9.90 39.25 -34.05
C ARG C 8 -10.45 39.64 -32.68
N ALA C 9 -11.37 40.60 -32.67
CA ALA C 9 -11.96 41.05 -31.41
C ALA C 9 -12.79 39.94 -30.77
N TRP C 10 -13.49 39.14 -31.58
CA TRP C 10 -14.35 38.10 -31.02
C TRP C 10 -13.53 37.08 -30.24
N LYS C 11 -12.38 36.68 -30.78
CA LYS C 11 -11.48 35.81 -30.02
C LYS C 11 -11.02 36.49 -28.75
N GLN C 12 -10.85 37.82 -28.78
CA GLN C 12 -10.42 38.54 -27.59
C GLN C 12 -11.46 38.46 -26.48
N MET C 13 -12.73 38.74 -26.81
CA MET C 13 -13.77 38.66 -25.78
C MET C 13 -14.01 37.22 -25.35
N SER C 14 -13.85 36.26 -26.27
CA SER C 14 -13.96 34.86 -25.88
C SER C 14 -12.87 34.49 -24.88
N TRP C 15 -11.65 34.97 -25.10
CA TRP C 15 -10.56 34.71 -24.16
C TRP C 15 -10.81 35.37 -22.83
N PHE C 16 -11.35 36.60 -22.84
CA PHE C 16 -11.67 37.26 -21.58
C PHE C 16 -12.72 36.46 -20.81
N TYR C 17 -13.74 35.96 -21.49
CA TYR C 17 -14.73 35.12 -20.82
C TYR C 17 -14.11 33.83 -20.32
N TYR C 18 -13.16 33.27 -21.06
CA TYR C 18 -12.49 32.05 -20.62
C TYR C 18 -11.69 32.30 -19.35
N GLN C 19 -11.00 33.44 -19.29
CA GLN C 19 -10.28 33.79 -18.07
C GLN C 19 -11.23 34.01 -16.91
N TYR C 20 -12.38 34.64 -17.17
CA TYR C 20 -13.43 34.73 -16.16
C TYR C 20 -13.79 33.35 -15.62
N LEU C 21 -14.09 32.41 -16.52
CA LEU C 21 -14.49 31.08 -16.10
C LEU C 21 -13.41 30.39 -15.28
N LEU C 22 -12.15 30.52 -15.70
CA LEU C 22 -11.07 29.89 -14.96
C LEU C 22 -10.90 30.51 -13.58
N VAL C 23 -10.97 31.84 -13.50
CA VAL C 23 -10.74 32.52 -12.23
C VAL C 23 -11.85 32.20 -11.23
N THR C 24 -13.10 32.32 -11.64
CA THR C 24 -14.20 32.17 -10.69
C THR C 24 -14.70 30.74 -10.56
N ALA C 25 -13.95 29.77 -11.09
CA ALA C 25 -14.23 28.34 -10.94
C ALA C 25 -15.55 27.92 -11.56
N LEU C 26 -16.13 28.75 -12.44
CA LEU C 26 -17.33 28.34 -13.16
C LEU C 26 -17.02 27.22 -14.15
N TYR C 27 -15.74 27.02 -14.47
CA TYR C 27 -15.35 26.01 -15.45
C TYR C 27 -15.78 24.62 -14.99
N MET C 28 -15.76 24.36 -13.69
CA MET C 28 -16.11 23.04 -13.18
C MET C 28 -17.61 22.85 -13.12
N LEU C 29 -18.38 23.94 -13.13
CA LEU C 29 -19.82 23.85 -12.86
C LEU C 29 -20.61 23.55 -14.12
N GLU C 30 -21.81 23.02 -13.92
CA GLU C 30 -22.70 22.70 -15.02
C GLU C 30 -23.33 23.98 -15.59
N PRO C 31 -23.83 23.91 -16.84
CA PRO C 31 -24.32 25.15 -17.48
C PRO C 31 -25.43 25.86 -16.73
N TRP C 32 -26.39 25.13 -16.15
CA TRP C 32 -27.49 25.80 -15.46
C TRP C 32 -27.01 26.46 -14.18
N GLU C 33 -26.03 25.84 -13.50
CA GLU C 33 -25.41 26.48 -12.35
C GLU C 33 -24.71 27.77 -12.75
N ARG C 34 -24.02 27.75 -13.90
CA ARG C 34 -23.39 28.97 -14.40
C ARG C 34 -24.43 30.05 -14.67
N THR C 35 -25.56 29.66 -15.27
CA THR C 35 -26.60 30.64 -15.56
C THR C 35 -27.18 31.24 -14.28
N VAL C 36 -27.38 30.39 -13.26
CA VAL C 36 -27.89 30.87 -11.98
C VAL C 36 -26.91 31.87 -11.36
N PHE C 37 -25.63 31.53 -11.35
CA PHE C 37 -24.63 32.41 -10.76
C PHE C 37 -24.56 33.73 -11.51
N ASN C 38 -24.59 33.67 -12.85
CA ASN C 38 -24.51 34.90 -13.63
C ASN C 38 -25.72 35.79 -13.40
N SER C 39 -26.91 35.20 -13.33
CA SER C 39 -28.12 35.97 -13.06
C SER C 39 -28.05 36.64 -11.70
N MET C 40 -27.61 35.90 -10.68
CA MET C 40 -27.49 36.49 -9.34
C MET C 40 -26.49 37.63 -9.34
N LEU C 41 -25.34 37.44 -10.00
CA LEU C 41 -24.32 38.48 -10.02
C LEU C 41 -24.82 39.74 -10.71
N VAL C 42 -25.46 39.59 -11.87
CA VAL C 42 -25.94 40.78 -12.59
C VAL C 42 -27.05 41.47 -11.83
N SER C 43 -27.90 40.69 -11.14
CA SER C 43 -28.95 41.30 -10.32
C SER C 43 -28.33 42.14 -9.20
N ILE C 44 -27.32 41.59 -8.53
CA ILE C 44 -26.66 42.35 -7.46
C ILE C 44 -26.00 43.61 -8.01
N VAL C 45 -25.36 43.49 -9.18
CA VAL C 45 -24.68 44.65 -9.78
C VAL C 45 -25.70 45.73 -10.12
N GLY C 46 -26.84 45.35 -10.70
CA GLY C 46 -27.85 46.33 -11.01
C GLY C 46 -28.44 47.00 -9.77
N MET C 47 -28.66 46.21 -8.71
CA MET C 47 -29.12 46.78 -7.45
C MET C 47 -28.13 47.81 -6.92
N ALA C 48 -26.84 47.48 -6.96
CA ALA C 48 -25.82 48.42 -6.52
C ALA C 48 -25.78 49.65 -7.40
N LEU C 49 -25.98 49.48 -8.71
CA LEU C 49 -25.99 50.63 -9.62
C LEU C 49 -27.11 51.59 -9.29
N TYR C 50 -28.34 51.07 -9.09
CA TYR C 50 -29.45 51.96 -8.76
C TYR C 50 -29.24 52.60 -7.39
N THR C 51 -28.74 51.83 -6.41
CA THR C 51 -28.49 52.40 -5.09
C THR C 51 -27.46 53.53 -5.17
N GLY C 52 -26.45 53.37 -6.03
CA GLY C 52 -25.50 54.45 -6.25
C GLY C 52 -26.10 55.65 -6.93
N TYR C 53 -26.99 55.42 -7.90
CA TYR C 53 -27.66 56.53 -8.55
C TYR C 53 -28.59 57.28 -7.61
N VAL C 54 -29.07 56.59 -6.56
CA VAL C 54 -29.80 57.27 -5.50
C VAL C 54 -28.94 58.35 -4.88
N PHE C 55 -27.65 58.07 -4.69
CA PHE C 55 -26.76 58.99 -4.02
C PHE C 55 -26.49 60.22 -4.88
N MET C 56 -26.31 60.03 -6.19
CA MET C 56 -26.03 61.14 -7.08
C MET C 56 -27.25 62.04 -7.26
N1 PLP D . 7.53 6.15 0.70
C2 PLP D . 7.79 7.15 -0.20
C2A PLP D . 8.48 8.40 0.25
C3 PLP D . 7.42 7.01 -1.53
O3 PLP D . 7.69 8.01 -2.42
C4 PLP D . 6.79 5.86 -1.97
C4A PLP D . 5.97 5.95 -3.22
C5 PLP D . 6.51 4.85 -1.05
C6 PLP D . 6.90 5.00 0.28
C5A PLP D . 5.82 3.57 -1.46
O4P PLP D . 6.36 3.03 -2.64
P PLP D . 5.81 1.61 -3.18
O1P PLP D . 6.65 1.13 -4.33
O2P PLP D . 5.85 0.61 -2.05
O3P PLP D . 4.39 1.80 -3.64
C10 VRP E . -5.25 12.13 -5.96
C11 VRP E . -5.42 10.69 -6.51
C12 VRP E . -4.21 9.74 -6.28
C13 VRP E . -3.21 10.21 -5.19
C14 VRP E . -1.83 9.52 -5.25
C01 VRP E . -10.23 21.00 -6.29
C02 VRP E . -10.39 19.52 -6.54
C03 VRP E . -9.04 18.79 -6.62
C04 VRP E . -9.17 17.28 -6.53
C05 VRP E . -7.81 16.57 -6.38
C06 VRP E . -7.90 15.11 -5.90
C07 VRP E . -6.57 14.37 -5.84
C09 VRP E . -6.56 12.86 -5.60
C15 VRP E . -0.83 9.98 -4.22
C16 VRP E . 0.49 9.78 -4.33
C17 VRP E . 1.51 10.22 -3.33
C18 VRP E . 2.94 9.73 -3.66
C19 VRP E . 3.09 8.17 -3.46
C20 VRP E . 4.39 7.54 -4.06
C21 VRP E . 4.00 6.44 -5.09
C23 VRP E . 5.27 8.61 -4.84
N26 VRP E . 5.13 6.92 -2.95
O08 VRP E . -5.52 14.98 -5.98
O22 VRP E . 3.04 5.65 -4.47
O24 VRP E . 4.92 8.88 -6.00
O25 VRP E . 6.25 9.09 -4.22
O27 VRP E . 3.05 8.01 -2.08
O28 VRP E . 3.76 10.44 -2.79
#